data_7VGG
#
_entry.id   7VGG
#
_cell.length_a   1.00
_cell.length_b   1.00
_cell.length_c   1.00
_cell.angle_alpha   90.00
_cell.angle_beta   90.00
_cell.angle_gamma   90.00
#
_symmetry.space_group_name_H-M   'P 1'
#
loop_
_entity.id
_entity.type
_entity.pdbx_description
1 polymer 'E3 ubiquitin-protein ligase COP1'
2 polymer 'Ultraviolet-B receptor UVR8'
#
loop_
_entity_poly.entity_id
_entity_poly.type
_entity_poly.pdbx_seq_one_letter_code
_entity_poly.pdbx_strand_id
1 'polypeptide(L)'
;MDYKDDDDKGDYKDDDDKIDYKDDDDKGSMEEISTDPVVPAVKPDPRTSSVGEGANRHENDDGGSGGSEIGAPDLDKDLL
CPICMQIIKDAFLTACGHSFCYMCIITHLRNKSDCPCCSQHLTNNQLYPNFLLDKLLKKTSARHVSKTASPLDQFREALQ
RGCDVSIKEVDNLLTLLAERKRKMEQEEAERNMQILLDFLHCLRKQKVDELNEVQTDLQYIKEDINAVERHRIDLYRARD
RYSVKLRMLGDDPSTRNAWPHEKNQIGFNSNSLSIRGGNFVGNYQNKKVEGKAQGSSHGLPKKDALSGSDSQSLNQSTVS
MARKKRIHAQFNDLQECYLQKRRQLADQPNSKQENDKSVVRREGYSNGLADFQSVLTTFTRYSRLRVIAEIRHGDIFHSA
NIVSSIEFDRDDELFATAGVSRCIKVFDFSSVVNEPADMQCPIVEMSTRSKLSCLSWNKHEKNHIASSDYEGIVTVWDVT
TRQSLMEYEEHEKRAWSVDFSRTEPSMLVSGSDDCKVKVWCTRQEASVINIDMKANICCVKYNPGSSNYIAVGSADHHIH
YYDLRNISQPLHVFSGHKKAVSYVKFLSNNELASASTDSTLRLWDVKDNLPVRTFRGHTNEKNFVGLTVNSEYLACGSET
NEVYVYHKEITRPVTSHRFGSPDMDDAEEEAGSYFISAVCWKSDSPTMLTANSQGTIKVLVLAA
;
A
2 'polypeptide(L)'
;MGSSHHHHHHSSGLVPRGSHSDEVDAHMMAEDMAADEVTAPPRKVLIISAGASHSVALLSGDIVCSWGRGEDGQLGHGDA
EDRPSPTQLSALDGHQIVSVTCGADHTVAYSQSGMEVYSWGWGDFGRLGHGNSSDLFTPLPIKALHGIRIKQIACGDSHC
LAVTMEGEVQSWGRNQNGQLGLGDTEDSLVPQKIQAFEGIRIKMVAAGAEHTAAVTEDGDLYGWGWGRYGNLGLGDRTDR
LVPERVTSTGGEKMSMVACGWRHTISVSYSGALYTYGWSKYGQLGHGDLEDHLIPHKLEALSNSFISQISGGWRHTMALT
SDGKLYGWGWNKFGQVGVGNNLDQCSPVQVRFPDDQKVVQVSCGWRHTLAVTERNNVFAWGRGTNGQLGIGESVDRNFPK
IIEALSVDGASGQHIESSNIDPSSGKSWVSPAERYAVVPDETGLTDGSSKGNGGDISVPQTDVKRVRI
;
B
#
# COMPACT_ATOMS: atom_id res chain seq x y z
N THR A 380 -7.58 22.07 -36.40
CA THR A 380 -7.50 23.43 -36.94
C THR A 380 -8.10 24.44 -35.98
N ARG A 381 -9.18 24.02 -35.30
CA ARG A 381 -9.84 24.91 -34.34
C ARG A 381 -8.93 25.26 -33.18
N TYR A 382 -7.99 24.36 -32.85
CA TYR A 382 -7.11 24.53 -31.70
C TYR A 382 -5.67 24.40 -32.15
N SER A 383 -4.81 25.28 -31.60
CA SER A 383 -3.40 25.26 -31.93
C SER A 383 -2.49 25.39 -30.72
N ARG A 384 -3.02 25.47 -29.51
CA ARG A 384 -2.20 25.58 -28.32
C ARG A 384 -3.01 25.10 -27.12
N LEU A 385 -2.34 24.98 -25.99
CA LEU A 385 -2.97 24.61 -24.73
C LEU A 385 -2.74 25.70 -23.70
N ARG A 386 -3.84 26.27 -23.21
CA ARG A 386 -3.80 27.30 -22.17
C ARG A 386 -3.88 26.62 -20.81
N VAL A 387 -3.04 27.08 -19.87
CA VAL A 387 -3.09 26.60 -18.50
C VAL A 387 -4.13 27.40 -17.75
N ILE A 388 -5.04 26.70 -17.06
CA ILE A 388 -6.08 27.34 -16.28
C ILE A 388 -5.80 27.24 -14.78
N ALA A 389 -5.11 26.20 -14.36
CA ALA A 389 -4.84 26.01 -12.93
C ALA A 389 -3.56 25.22 -12.77
N GLU A 390 -3.26 24.87 -11.52
CA GLU A 390 -2.09 24.07 -11.20
C GLU A 390 -2.17 23.66 -9.73
N ILE A 391 -1.67 22.47 -9.42
CA ILE A 391 -1.58 21.97 -8.06
C ILE A 391 -0.17 21.46 -7.84
N ARG A 392 0.53 22.05 -6.88
CA ARG A 392 1.90 21.67 -6.56
C ARG A 392 1.94 20.79 -5.32
N HIS A 393 2.69 19.68 -5.43
CA HIS A 393 2.87 18.77 -4.31
C HIS A 393 3.53 19.49 -3.13
N ASN A 401 4.79 11.62 -4.72
CA ASN A 401 5.06 12.67 -5.69
C ASN A 401 4.37 12.36 -7.02
N ILE A 402 4.90 11.37 -7.75
CA ILE A 402 4.38 11.06 -9.07
C ILE A 402 2.94 10.58 -8.96
N VAL A 403 2.08 11.12 -9.83
CA VAL A 403 0.67 10.76 -9.90
C VAL A 403 0.47 9.91 -11.15
N SER A 404 0.08 8.66 -10.96
CA SER A 404 0.00 7.73 -12.09
C SER A 404 -1.37 7.72 -12.76
N SER A 405 -2.44 7.97 -12.02
CA SER A 405 -3.77 7.95 -12.61
C SER A 405 -4.56 9.16 -12.13
N ILE A 406 -5.21 9.83 -13.07
CA ILE A 406 -6.05 10.99 -12.80
C ILE A 406 -7.33 10.83 -13.61
N GLU A 407 -8.49 10.91 -12.93
CA GLU A 407 -9.74 10.56 -13.61
C GLU A 407 -10.88 11.44 -13.14
N PHE A 408 -11.70 11.89 -14.09
CA PHE A 408 -12.94 12.58 -13.77
C PHE A 408 -14.04 11.58 -13.44
N ASP A 409 -15.07 12.05 -12.72
CA ASP A 409 -16.18 11.18 -12.39
C ASP A 409 -17.30 11.32 -13.42
N ARG A 410 -18.44 10.68 -13.14
CA ARG A 410 -19.51 10.61 -14.12
C ARG A 410 -20.05 11.98 -14.48
N ASP A 411 -20.14 12.90 -13.51
CA ASP A 411 -20.61 14.25 -13.76
C ASP A 411 -19.47 15.21 -14.09
N ASP A 412 -18.23 14.75 -14.06
CA ASP A 412 -17.07 15.59 -14.33
C ASP A 412 -16.98 16.77 -13.37
N GLU A 413 -17.51 16.61 -12.16
CA GLU A 413 -17.42 17.64 -11.14
C GLU A 413 -16.17 17.46 -10.30
N LEU A 414 -15.88 16.22 -9.91
CA LEU A 414 -14.70 15.88 -9.13
C LEU A 414 -13.68 15.18 -10.02
N PHE A 415 -12.46 15.07 -9.50
CA PHE A 415 -11.46 14.23 -10.14
C PHE A 415 -10.55 13.65 -9.07
N ALA A 416 -10.15 12.40 -9.28
CA ALA A 416 -9.35 11.67 -8.31
C ALA A 416 -7.97 11.40 -8.89
N THR A 417 -6.97 11.49 -8.03
CA THR A 417 -5.58 11.24 -8.37
C THR A 417 -5.00 10.15 -7.49
N ALA A 418 -4.12 9.35 -8.08
CA ALA A 418 -3.49 8.24 -7.37
C ALA A 418 -2.10 8.01 -7.94
N GLY A 419 -1.17 7.68 -7.06
CA GLY A 419 0.20 7.45 -7.46
C GLY A 419 1.05 6.78 -6.39
N VAL A 420 2.32 7.19 -6.29
CA VAL A 420 3.21 6.60 -5.28
C VAL A 420 2.81 6.96 -3.87
N SER A 421 1.93 7.95 -3.70
CA SER A 421 1.57 8.41 -2.36
C SER A 421 0.81 7.37 -1.57
N ARG A 422 0.36 6.28 -2.19
CA ARG A 422 -0.51 5.31 -1.53
C ARG A 422 -1.78 6.00 -1.01
N CYS A 423 -2.27 6.96 -1.79
CA CYS A 423 -3.38 7.79 -1.34
C CYS A 423 -4.20 8.21 -2.55
N ILE A 424 -5.49 7.94 -2.50
CA ILE A 424 -6.45 8.41 -3.50
C ILE A 424 -6.94 9.77 -3.02
N LYS A 425 -6.64 10.81 -3.79
CA LYS A 425 -7.00 12.18 -3.42
C LYS A 425 -8.08 12.67 -4.38
N VAL A 426 -9.27 12.95 -3.85
CA VAL A 426 -10.40 13.41 -4.63
C VAL A 426 -10.54 14.91 -4.43
N PHE A 427 -10.48 15.64 -5.54
CA PHE A 427 -10.52 17.09 -5.59
C PHE A 427 -11.80 17.54 -6.29
N ASP A 428 -12.27 18.72 -5.91
CA ASP A 428 -13.37 19.37 -6.62
C ASP A 428 -12.80 20.23 -7.74
N PHE A 429 -13.25 19.98 -8.97
CA PHE A 429 -12.66 20.65 -10.13
C PHE A 429 -12.86 22.16 -10.07
N SER A 430 -14.07 22.59 -9.69
CA SER A 430 -14.36 24.02 -9.62
C SER A 430 -13.44 24.72 -8.63
N SER A 431 -13.24 24.12 -7.45
CA SER A 431 -12.33 24.70 -6.47
C SER A 431 -10.92 24.80 -7.04
N VAL A 432 -10.46 23.75 -7.71
CA VAL A 432 -9.11 23.75 -8.25
C VAL A 432 -8.92 24.88 -9.25
N VAL A 433 -9.90 25.07 -10.14
CA VAL A 433 -9.75 26.10 -11.17
C VAL A 433 -10.15 27.49 -10.67
N ASN A 434 -10.71 27.61 -9.47
CA ASN A 434 -11.13 28.91 -8.95
C ASN A 434 -10.27 29.37 -7.78
N GLU A 435 -10.17 28.55 -6.73
CA GLU A 435 -9.38 28.95 -5.58
C GLU A 435 -7.90 28.96 -5.94
N PRO A 436 -7.13 29.96 -5.49
CA PRO A 436 -5.71 29.99 -5.82
C PRO A 436 -4.88 29.03 -4.98
N GLN A 440 -7.83 22.75 -4.72
CA GLN A 440 -6.42 22.79 -4.37
C GLN A 440 -6.15 21.81 -3.23
N CYS A 441 -6.94 21.91 -2.18
CA CYS A 441 -6.88 20.95 -1.08
C CYS A 441 -7.79 19.77 -1.40
N PRO A 442 -7.30 18.54 -1.36
CA PRO A 442 -8.17 17.39 -1.61
C PRO A 442 -9.38 17.42 -0.70
N ILE A 443 -10.56 17.25 -1.27
CA ILE A 443 -11.77 17.23 -0.45
C ILE A 443 -12.01 15.84 0.13
N VAL A 444 -11.35 14.80 -0.41
CA VAL A 444 -11.37 13.48 0.20
C VAL A 444 -10.00 12.85 0.04
N GLU A 445 -9.58 12.09 1.04
CA GLU A 445 -8.30 11.37 0.99
C GLU A 445 -8.54 9.96 1.53
N MET A 446 -8.22 8.96 0.71
CA MET A 446 -8.29 7.56 1.12
C MET A 446 -6.89 6.97 1.14
N SER A 447 -6.50 6.40 2.28
CA SER A 447 -5.16 5.84 2.43
C SER A 447 -5.16 4.36 2.09
N THR A 448 -4.04 3.89 1.55
CA THR A 448 -3.87 2.51 1.14
C THR A 448 -2.56 1.96 1.69
N ARG A 449 -2.40 0.64 1.61
CA ARG A 449 -1.19 -0.05 2.03
C ARG A 449 -0.37 -0.54 0.84
N SER A 450 -0.51 0.10 -0.31
CA SER A 450 0.25 -0.29 -1.48
C SER A 450 0.19 0.84 -2.50
N LYS A 451 1.22 0.93 -3.32
CA LYS A 451 1.25 1.93 -4.37
C LYS A 451 0.21 1.61 -5.42
N LEU A 452 -0.46 2.64 -5.93
CA LEU A 452 -1.55 2.46 -6.88
C LEU A 452 -1.03 2.57 -8.31
N SER A 453 -1.74 1.92 -9.21
CA SER A 453 -1.36 1.83 -10.62
C SER A 453 -2.40 2.43 -11.55
N CYS A 454 -3.68 2.17 -11.31
CA CYS A 454 -4.75 2.70 -12.12
C CYS A 454 -5.90 3.11 -11.21
N LEU A 455 -6.91 3.74 -11.80
CA LEU A 455 -8.01 4.33 -11.04
C LEU A 455 -9.17 4.54 -11.99
N SER A 456 -10.36 4.08 -11.60
CA SER A 456 -11.52 4.17 -12.48
C SER A 456 -12.76 4.52 -11.66
N TRP A 457 -13.42 5.61 -12.01
CA TRP A 457 -14.68 6.00 -11.39
C TRP A 457 -15.80 5.09 -11.88
N ASN A 458 -16.80 4.88 -11.03
CA ASN A 458 -18.01 4.20 -11.47
C ASN A 458 -18.87 5.16 -12.28
N LYS A 459 -19.69 4.60 -13.18
CA LYS A 459 -20.39 5.42 -14.14
C LYS A 459 -21.79 5.83 -13.68
N HIS A 460 -22.56 4.91 -13.09
CA HIS A 460 -23.89 5.24 -12.62
C HIS A 460 -23.97 5.33 -11.10
N GLU A 461 -22.86 5.11 -10.39
CA GLU A 461 -22.76 5.32 -8.95
C GLU A 461 -21.68 6.37 -8.75
N LYS A 462 -22.10 7.63 -8.67
CA LYS A 462 -21.19 8.76 -8.74
C LYS A 462 -20.04 8.64 -7.75
N ASN A 463 -20.32 8.15 -6.55
CA ASN A 463 -19.37 8.21 -5.44
C ASN A 463 -18.40 7.04 -5.41
N HIS A 464 -18.56 6.04 -6.27
CA HIS A 464 -17.75 4.84 -6.23
C HIS A 464 -16.57 4.95 -7.18
N ILE A 465 -15.39 4.61 -6.69
CA ILE A 465 -14.17 4.68 -7.50
C ILE A 465 -13.34 3.43 -7.26
N ALA A 466 -12.89 2.80 -8.34
CA ALA A 466 -12.10 1.58 -8.26
C ALA A 466 -10.63 1.88 -8.45
N SER A 467 -9.78 1.18 -7.71
CA SER A 467 -8.34 1.35 -7.77
C SER A 467 -7.66 -0.01 -7.76
N SER A 468 -6.48 -0.05 -8.38
CA SER A 468 -5.64 -1.25 -8.42
C SER A 468 -4.28 -0.88 -7.85
N ASP A 469 -3.76 -1.69 -6.95
CA ASP A 469 -2.46 -1.44 -6.34
C ASP A 469 -1.43 -2.42 -6.91
N TYR A 470 -0.17 -2.23 -6.50
CA TYR A 470 0.91 -3.10 -6.97
C TYR A 470 0.95 -4.45 -6.27
N GLU A 471 0.09 -4.71 -5.30
CA GLU A 471 0.01 -6.05 -4.71
C GLU A 471 -1.14 -6.87 -5.28
N GLY A 472 -1.79 -6.40 -6.34
CA GLY A 472 -2.86 -7.15 -6.98
C GLY A 472 -4.19 -7.07 -6.29
N ILE A 473 -4.44 -6.03 -5.49
CA ILE A 473 -5.70 -5.87 -4.77
C ILE A 473 -6.50 -4.80 -5.49
N VAL A 474 -7.69 -5.16 -5.96
CA VAL A 474 -8.60 -4.24 -6.64
C VAL A 474 -9.66 -3.82 -5.65
N THR A 475 -9.66 -2.55 -5.27
CA THR A 475 -10.53 -2.04 -4.22
C THR A 475 -11.51 -1.04 -4.80
N VAL A 476 -12.77 -1.20 -4.47
CA VAL A 476 -13.80 -0.22 -4.79
C VAL A 476 -14.11 0.58 -3.54
N TRP A 477 -13.85 1.89 -3.60
CA TRP A 477 -14.00 2.83 -2.51
C TRP A 477 -15.23 3.69 -2.72
N ASP A 478 -15.74 4.24 -1.62
CA ASP A 478 -16.77 5.26 -1.64
C ASP A 478 -16.15 6.54 -1.12
N VAL A 479 -16.22 7.60 -1.93
CA VAL A 479 -15.59 8.86 -1.55
C VAL A 479 -16.43 9.64 -0.55
N THR A 480 -17.70 9.29 -0.40
CA THR A 480 -18.53 9.97 0.59
C THR A 480 -18.18 9.52 2.01
N THR A 481 -17.93 8.22 2.19
CA THR A 481 -17.61 7.66 3.49
C THR A 481 -16.17 7.21 3.61
N ARG A 482 -15.36 7.35 2.56
CA ARG A 482 -13.94 7.00 2.60
C ARG A 482 -13.75 5.55 3.03
N GLN A 483 -14.69 4.70 2.62
CA GLN A 483 -14.70 3.29 2.99
C GLN A 483 -14.43 2.44 1.76
N SER A 484 -13.74 1.33 1.98
CA SER A 484 -13.49 0.35 0.93
C SER A 484 -14.71 -0.54 0.77
N LEU A 485 -15.57 -0.21 -0.19
CA LEU A 485 -16.80 -0.95 -0.40
C LEU A 485 -16.53 -2.41 -0.77
N MET A 486 -15.54 -2.64 -1.62
CA MET A 486 -15.20 -4.00 -2.05
C MET A 486 -13.69 -4.15 -2.15
N GLU A 487 -13.22 -5.39 -1.95
CA GLU A 487 -11.81 -5.73 -2.09
C GLU A 487 -11.70 -7.08 -2.76
N TYR A 488 -11.02 -7.13 -3.91
CA TYR A 488 -10.82 -8.36 -4.68
C TYR A 488 -9.33 -8.66 -4.67
N GLU A 489 -8.97 -9.90 -4.31
CA GLU A 489 -7.58 -10.29 -4.13
C GLU A 489 -7.31 -11.62 -4.83
N GLU A 490 -7.76 -11.72 -6.08
CA GLU A 490 -7.49 -12.89 -6.89
C GLU A 490 -6.22 -12.76 -7.73
N HIS A 491 -5.67 -11.57 -7.89
CA HIS A 491 -4.42 -11.39 -8.62
C HIS A 491 -3.24 -11.71 -7.73
N GLU A 492 -2.35 -12.57 -8.23
CA GLU A 492 -1.19 -12.99 -7.47
C GLU A 492 0.00 -12.04 -7.60
N LYS A 493 -0.11 -11.03 -8.46
CA LYS A 493 0.95 -10.06 -8.67
C LYS A 493 0.35 -8.67 -8.86
N ARG A 494 1.20 -7.72 -9.20
CA ARG A 494 0.78 -6.34 -9.40
C ARG A 494 -0.38 -6.26 -10.39
N ALA A 495 -1.40 -5.48 -10.02
CA ALA A 495 -2.53 -5.21 -10.89
C ALA A 495 -2.29 -3.91 -11.63
N TRP A 496 -2.23 -3.98 -12.96
CA TRP A 496 -1.85 -2.84 -13.77
C TRP A 496 -3.01 -1.97 -14.21
N SER A 497 -4.19 -2.54 -14.44
CA SER A 497 -5.29 -1.72 -14.92
C SER A 497 -6.59 -2.18 -14.31
N VAL A 498 -7.50 -1.23 -14.09
CA VAL A 498 -8.85 -1.48 -13.61
C VAL A 498 -9.77 -0.53 -14.36
N ASP A 499 -10.98 -0.99 -14.66
CA ASP A 499 -11.90 -0.20 -15.48
C ASP A 499 -13.33 -0.62 -15.20
N PHE A 500 -14.18 0.35 -14.87
CA PHE A 500 -15.61 0.09 -14.74
C PHE A 500 -16.28 0.13 -16.12
N SER A 501 -17.21 -0.78 -16.34
CA SER A 501 -17.97 -0.79 -17.58
C SER A 501 -18.87 0.43 -17.67
N ARG A 502 -19.05 0.95 -18.88
CA ARG A 502 -19.89 2.13 -19.06
C ARG A 502 -21.36 1.76 -19.15
N THR A 503 -21.68 0.60 -19.74
CA THR A 503 -23.06 0.18 -19.93
C THR A 503 -23.60 -0.64 -18.77
N GLU A 504 -22.77 -1.47 -18.14
CA GLU A 504 -23.18 -2.26 -16.97
C GLU A 504 -22.34 -1.80 -15.79
N PRO A 505 -22.82 -0.82 -15.02
CA PRO A 505 -21.94 -0.17 -14.04
C PRO A 505 -21.30 -1.10 -13.04
N SER A 506 -21.93 -2.23 -12.73
CA SER A 506 -21.41 -3.13 -11.71
C SER A 506 -20.24 -3.98 -12.18
N MET A 507 -19.98 -4.05 -13.48
CA MET A 507 -18.88 -4.85 -14.00
C MET A 507 -17.58 -4.08 -13.95
N LEU A 508 -16.52 -4.75 -13.51
CA LEU A 508 -15.20 -4.16 -13.33
C LEU A 508 -14.16 -5.12 -13.89
N VAL A 509 -13.42 -4.68 -14.90
CA VAL A 509 -12.40 -5.51 -15.53
C VAL A 509 -11.04 -5.02 -15.11
N SER A 510 -10.19 -5.95 -14.67
CA SER A 510 -8.84 -5.63 -14.25
C SER A 510 -7.86 -6.55 -14.97
N GLY A 511 -6.65 -6.05 -15.15
CA GLY A 511 -5.60 -6.84 -15.74
C GLY A 511 -4.30 -6.64 -14.98
N SER A 512 -3.62 -7.75 -14.71
CA SER A 512 -2.49 -7.74 -13.77
C SER A 512 -1.25 -8.32 -14.42
N ASP A 513 -0.12 -8.18 -13.73
CA ASP A 513 1.16 -8.70 -14.17
C ASP A 513 1.23 -10.22 -14.14
N ASP A 514 0.34 -10.88 -13.41
CA ASP A 514 0.27 -12.33 -13.42
C ASP A 514 -0.24 -12.88 -14.74
N CYS A 515 -0.46 -12.02 -15.74
CA CYS A 515 -0.94 -12.41 -17.06
C CYS A 515 -2.41 -12.81 -17.03
N LYS A 516 -3.17 -12.25 -16.08
CA LYS A 516 -4.57 -12.57 -15.90
C LYS A 516 -5.43 -11.33 -16.08
N VAL A 517 -6.56 -11.52 -16.76
CA VAL A 517 -7.63 -10.54 -16.86
C VAL A 517 -8.80 -11.10 -16.07
N LYS A 518 -9.35 -10.31 -15.17
CA LYS A 518 -10.44 -10.76 -14.31
C LYS A 518 -11.59 -9.76 -14.35
N VAL A 519 -12.80 -10.28 -14.45
CA VAL A 519 -14.02 -9.49 -14.49
C VAL A 519 -14.81 -9.78 -13.23
N TRP A 520 -15.00 -8.76 -12.40
CA TRP A 520 -15.74 -8.85 -11.17
C TRP A 520 -17.07 -8.14 -11.31
N CYS A 521 -18.06 -8.62 -10.56
CA CYS A 521 -19.33 -7.92 -10.40
C CYS A 521 -19.32 -7.26 -9.03
N THR A 522 -19.86 -6.05 -8.93
CA THR A 522 -19.88 -5.35 -7.65
C THR A 522 -21.04 -5.86 -6.82
N ARG A 523 -21.19 -7.19 -6.75
CA ARG A 523 -22.11 -7.84 -5.83
C ARG A 523 -21.47 -9.00 -5.08
N GLN A 524 -20.38 -9.57 -5.60
CA GLN A 524 -19.72 -10.70 -4.99
C GLN A 524 -18.21 -10.52 -5.12
N GLU A 525 -17.47 -11.18 -4.24
CA GLU A 525 -16.01 -11.08 -4.21
C GLU A 525 -15.33 -12.18 -5.00
N ALA A 526 -16.02 -12.75 -5.99
CA ALA A 526 -15.47 -13.80 -6.84
C ALA A 526 -15.41 -13.29 -8.27
N SER A 527 -14.27 -13.51 -8.94
CA SER A 527 -14.11 -13.08 -10.31
C SER A 527 -15.19 -13.71 -11.19
N VAL A 528 -16.00 -12.87 -11.82
CA VAL A 528 -17.09 -13.37 -12.64
C VAL A 528 -16.55 -14.04 -13.90
N ILE A 529 -15.55 -13.44 -14.54
CA ILE A 529 -14.86 -14.04 -15.68
C ILE A 529 -13.37 -14.01 -15.40
N ASN A 530 -12.64 -14.97 -15.96
CA ASN A 530 -11.20 -15.04 -15.81
C ASN A 530 -10.58 -15.51 -17.11
N ILE A 531 -9.76 -14.65 -17.72
CA ILE A 531 -9.04 -14.97 -18.95
C ILE A 531 -7.56 -15.09 -18.61
N ASP A 532 -7.00 -16.26 -18.90
CA ASP A 532 -5.57 -16.49 -18.76
C ASP A 532 -4.90 -16.25 -20.10
N MET A 533 -3.82 -15.48 -20.09
CA MET A 533 -3.10 -15.13 -21.29
C MET A 533 -1.62 -15.46 -21.08
N LYS A 534 -0.85 -15.33 -22.16
CA LYS A 534 0.55 -15.75 -22.18
C LYS A 534 1.51 -14.57 -22.09
N ALA A 535 1.05 -13.44 -21.56
CA ALA A 535 1.91 -12.28 -21.42
C ALA A 535 1.34 -11.36 -20.34
N ASN A 536 2.17 -10.44 -19.87
CA ASN A 536 1.74 -9.48 -18.87
C ASN A 536 0.68 -8.55 -19.46
N ILE A 537 -0.37 -8.32 -18.69
CA ILE A 537 -1.44 -7.41 -19.08
C ILE A 537 -1.14 -6.04 -18.50
N CYS A 538 -1.03 -5.04 -19.37
CA CYS A 538 -0.78 -3.67 -18.96
C CYS A 538 -2.04 -2.81 -18.92
N CYS A 539 -3.01 -3.08 -19.78
CA CYS A 539 -4.23 -2.28 -19.83
C CYS A 539 -5.41 -3.19 -20.16
N VAL A 540 -6.55 -2.89 -19.55
CA VAL A 540 -7.82 -3.54 -19.87
C VAL A 540 -8.89 -2.47 -19.96
N LYS A 541 -9.73 -2.58 -20.99
CA LYS A 541 -10.71 -1.54 -21.21
C LYS A 541 -12.01 -2.09 -21.81
N TYR A 542 -13.13 -1.82 -21.15
CA TYR A 542 -14.43 -2.20 -21.69
C TYR A 542 -14.76 -1.36 -22.91
N ASN A 543 -15.44 -1.97 -23.87
CA ASN A 543 -15.97 -1.21 -24.99
C ASN A 543 -17.05 -0.26 -24.49
N PRO A 544 -17.06 1.00 -24.89
CA PRO A 544 -18.10 1.92 -24.39
C PRO A 544 -19.51 1.46 -24.68
N GLY A 545 -19.75 0.82 -25.84
CA GLY A 545 -21.08 0.44 -26.22
C GLY A 545 -21.60 -0.85 -25.65
N SER A 546 -20.73 -1.69 -25.07
CA SER A 546 -21.17 -2.98 -24.56
C SER A 546 -20.18 -3.55 -23.56
N SER A 547 -20.68 -4.12 -22.47
CA SER A 547 -19.83 -4.74 -21.47
C SER A 547 -19.40 -6.15 -21.86
N ASN A 548 -19.90 -6.68 -22.97
CA ASN A 548 -19.55 -8.02 -23.40
C ASN A 548 -18.22 -8.07 -24.15
N TYR A 549 -17.66 -6.93 -24.52
CA TYR A 549 -16.42 -6.88 -25.29
C TYR A 549 -15.40 -6.09 -24.49
N ILE A 550 -14.16 -6.58 -24.47
CA ILE A 550 -13.06 -5.88 -23.82
C ILE A 550 -11.87 -5.86 -24.76
N ALA A 551 -10.98 -4.90 -24.52
CA ALA A 551 -9.70 -4.80 -25.19
C ALA A 551 -8.61 -4.95 -24.14
N VAL A 552 -7.68 -5.86 -24.39
CA VAL A 552 -6.60 -6.19 -23.47
C VAL A 552 -5.29 -5.85 -24.14
N GLY A 553 -4.62 -4.82 -23.65
CA GLY A 553 -3.29 -4.46 -24.13
C GLY A 553 -2.24 -5.07 -23.23
N SER A 554 -1.55 -6.08 -23.73
CA SER A 554 -0.62 -6.89 -22.95
C SER A 554 0.81 -6.62 -23.41
N ALA A 555 1.75 -7.27 -22.72
CA ALA A 555 3.16 -7.17 -23.09
C ALA A 555 3.49 -8.02 -24.31
N ASP A 556 2.54 -8.77 -24.85
CA ASP A 556 2.75 -9.57 -26.04
C ASP A 556 2.80 -8.75 -27.31
N HIS A 557 2.92 -7.42 -27.20
CA HIS A 557 3.07 -6.53 -28.33
C HIS A 557 1.79 -6.41 -29.16
N HIS A 558 0.70 -6.98 -28.66
CA HIS A 558 -0.56 -7.04 -29.39
C HIS A 558 -1.69 -6.57 -28.48
N ILE A 559 -2.86 -6.36 -29.08
CA ILE A 559 -4.07 -6.05 -28.32
C ILE A 559 -5.10 -7.14 -28.63
N HIS A 560 -5.52 -7.86 -27.60
CA HIS A 560 -6.49 -8.93 -27.75
C HIS A 560 -7.88 -8.34 -27.52
N TYR A 561 -8.74 -8.42 -28.53
CA TYR A 561 -10.13 -8.01 -28.40
C TYR A 561 -10.97 -9.24 -28.09
N TYR A 562 -11.45 -9.33 -26.85
CA TYR A 562 -12.15 -10.50 -26.34
C TYR A 562 -13.64 -10.24 -26.25
N ASP A 563 -14.42 -11.24 -26.66
CA ASP A 563 -15.87 -11.24 -26.48
C ASP A 563 -16.16 -12.11 -25.26
N LEU A 564 -16.40 -11.44 -24.11
CA LEU A 564 -16.48 -12.14 -22.84
C LEU A 564 -17.60 -13.17 -22.80
N ARG A 565 -18.58 -13.09 -23.70
CA ARG A 565 -19.62 -14.11 -23.76
C ARG A 565 -19.08 -15.46 -24.21
N ASN A 566 -17.93 -15.49 -24.89
CA ASN A 566 -17.31 -16.75 -25.27
C ASN A 566 -15.80 -16.51 -25.37
N ILE A 567 -15.08 -16.86 -24.32
CA ILE A 567 -13.64 -16.63 -24.23
C ILE A 567 -12.93 -17.95 -24.56
N SER A 568 -12.65 -18.15 -25.84
CA SER A 568 -11.77 -19.24 -26.27
C SER A 568 -10.54 -18.65 -26.93
N GLN A 569 -10.71 -17.83 -27.96
CA GLN A 569 -9.65 -17.04 -28.55
C GLN A 569 -10.13 -15.61 -28.72
N PRO A 570 -9.23 -14.64 -28.81
CA PRO A 570 -9.66 -13.25 -28.92
C PRO A 570 -10.55 -13.05 -30.14
N LEU A 571 -11.57 -12.20 -29.99
CA LEU A 571 -12.40 -11.86 -31.14
C LEU A 571 -11.56 -11.18 -32.21
N HIS A 572 -10.47 -10.53 -31.81
CA HIS A 572 -9.49 -9.99 -32.75
C HIS A 572 -8.13 -9.96 -32.06
N VAL A 573 -7.08 -9.87 -32.86
CA VAL A 573 -5.73 -9.63 -32.36
C VAL A 573 -5.12 -8.53 -33.20
N PHE A 574 -4.77 -7.42 -32.55
CA PHE A 574 -4.19 -6.25 -33.21
C PHE A 574 -2.68 -6.30 -33.05
N SER A 575 -1.97 -6.25 -34.19
CA SER A 575 -0.52 -6.23 -34.24
C SER A 575 -0.07 -4.89 -34.82
N GLY A 576 1.23 -4.76 -35.04
CA GLY A 576 1.82 -3.54 -35.53
C GLY A 576 2.53 -2.72 -34.49
N HIS A 577 2.37 -3.05 -33.21
CA HIS A 577 3.11 -2.39 -32.15
C HIS A 577 4.44 -3.09 -31.91
N LYS A 578 5.51 -2.30 -31.92
CA LYS A 578 6.86 -2.86 -31.81
C LYS A 578 7.23 -3.23 -30.38
N LYS A 579 6.71 -2.53 -29.38
CA LYS A 579 7.00 -2.80 -27.98
C LYS A 579 5.69 -3.07 -27.25
N ALA A 580 5.81 -3.39 -25.96
CA ALA A 580 4.65 -3.70 -25.15
C ALA A 580 3.59 -2.62 -25.29
N VAL A 581 2.33 -3.03 -25.15
CA VAL A 581 1.22 -2.08 -25.25
C VAL A 581 0.95 -1.51 -23.87
N SER A 582 0.97 -0.18 -23.77
CA SER A 582 0.86 0.49 -22.49
C SER A 582 -0.56 0.94 -22.15
N TYR A 583 -1.28 1.53 -23.11
CA TYR A 583 -2.59 2.08 -22.83
C TYR A 583 -3.57 1.71 -23.93
N VAL A 584 -4.82 1.47 -23.52
CA VAL A 584 -5.92 1.13 -24.42
C VAL A 584 -7.08 2.06 -24.06
N LYS A 585 -7.65 2.72 -25.07
CA LYS A 585 -8.82 3.58 -24.90
C LYS A 585 -9.72 3.37 -26.10
N PHE A 586 -10.97 3.82 -25.97
CA PHE A 586 -11.94 3.74 -27.06
C PHE A 586 -12.43 5.13 -27.42
N LEU A 587 -12.21 5.54 -28.67
CA LEU A 587 -12.83 6.77 -29.14
C LEU A 587 -14.34 6.63 -29.20
N SER A 588 -14.83 5.51 -29.69
CA SER A 588 -16.25 5.24 -29.78
C SER A 588 -16.46 3.74 -29.69
N ASN A 589 -17.65 3.27 -30.04
CA ASN A 589 -17.93 1.84 -30.00
C ASN A 589 -17.08 1.06 -30.98
N ASN A 590 -16.54 1.71 -32.01
CA ASN A 590 -15.84 1.03 -33.09
C ASN A 590 -14.38 1.43 -33.22
N GLU A 591 -13.98 2.55 -32.64
CA GLU A 591 -12.62 3.06 -32.80
C GLU A 591 -11.84 2.84 -31.51
N LEU A 592 -10.78 2.05 -31.59
CA LEU A 592 -9.89 1.80 -30.46
C LEU A 592 -8.57 2.51 -30.70
N ALA A 593 -8.10 3.24 -29.70
CA ALA A 593 -6.79 3.87 -29.73
C ALA A 593 -5.89 3.18 -28.72
N SER A 594 -4.63 2.98 -29.10
CA SER A 594 -3.68 2.35 -28.19
C SER A 594 -2.38 3.12 -28.23
N ALA A 595 -1.65 3.04 -27.12
CA ALA A 595 -0.35 3.67 -26.99
C ALA A 595 0.63 2.62 -26.50
N SER A 596 1.76 2.48 -27.20
CA SER A 596 2.78 1.51 -26.80
C SER A 596 4.04 2.25 -26.36
N THR A 597 4.96 1.51 -25.75
CA THR A 597 6.25 2.04 -25.36
C THR A 597 7.24 2.03 -26.51
N ASP A 598 6.83 2.58 -27.64
CA ASP A 598 7.69 2.77 -28.80
C ASP A 598 7.41 4.13 -29.42
N SER A 599 6.91 5.07 -28.62
CA SER A 599 6.52 6.39 -29.11
C SER A 599 5.52 6.28 -30.25
N THR A 600 4.52 5.41 -30.10
CA THR A 600 3.55 5.18 -31.16
C THR A 600 2.15 5.00 -30.59
N LEU A 601 1.21 5.78 -31.12
CA LEU A 601 -0.21 5.56 -30.93
C LEU A 601 -0.79 4.98 -32.22
N ARG A 602 -1.87 4.22 -32.07
CA ARG A 602 -2.47 3.58 -33.24
C ARG A 602 -3.98 3.45 -33.06
N LEU A 603 -4.71 3.79 -34.12
CA LEU A 603 -6.14 3.56 -34.19
C LEU A 603 -6.41 2.17 -34.71
N TRP A 604 -7.64 1.70 -34.52
CA TRP A 604 -8.02 0.35 -34.93
C TRP A 604 -9.53 0.28 -35.03
N ASP A 605 -10.03 -0.37 -36.06
CA ASP A 605 -11.46 -0.53 -36.27
C ASP A 605 -11.88 -1.86 -35.62
N VAL A 606 -12.15 -1.82 -34.31
CA VAL A 606 -12.49 -3.04 -33.60
C VAL A 606 -13.66 -3.79 -34.22
N LYS A 607 -14.50 -3.10 -35.00
CA LYS A 607 -15.51 -3.80 -35.78
C LYS A 607 -14.84 -4.69 -36.82
N ASP A 608 -13.69 -4.27 -37.33
CA ASP A 608 -12.88 -5.05 -38.26
C ASP A 608 -11.58 -5.45 -37.58
N ASN A 609 -10.68 -6.06 -38.36
CA ASN A 609 -9.35 -6.39 -37.87
C ASN A 609 -8.26 -5.53 -38.50
N LEU A 610 -8.62 -4.50 -39.24
CA LEU A 610 -7.61 -3.69 -39.90
C LEU A 610 -7.34 -2.42 -39.09
N PRO A 611 -6.10 -1.93 -39.07
CA PRO A 611 -5.82 -0.65 -38.42
C PRO A 611 -6.36 0.51 -39.25
N VAL A 612 -6.16 1.71 -38.74
CA VAL A 612 -6.61 2.94 -39.39
C VAL A 612 -5.47 3.92 -39.61
N ARG A 613 -4.72 4.22 -38.54
CA ARG A 613 -3.74 5.30 -38.59
C ARG A 613 -2.65 5.03 -37.58
N THR A 614 -1.54 5.76 -37.72
CA THR A 614 -0.43 5.69 -36.77
C THR A 614 0.00 7.11 -36.43
N PHE A 615 0.25 7.36 -35.15
CA PHE A 615 0.63 8.67 -34.65
C PHE A 615 1.98 8.59 -33.98
N ARG A 616 2.89 9.46 -34.43
CA ARG A 616 4.24 9.56 -33.89
C ARG A 616 4.58 11.03 -33.72
N GLY A 617 5.52 11.30 -32.80
CA GLY A 617 5.93 12.67 -32.54
C GLY A 617 6.18 12.93 -31.08
N HIS A 618 5.84 11.97 -30.23
CA HIS A 618 6.10 12.05 -28.80
C HIS A 618 7.20 11.06 -28.44
N THR A 619 7.58 11.06 -27.17
CA THR A 619 8.62 10.16 -26.67
C THR A 619 8.00 9.27 -25.60
N ASN A 620 8.10 7.95 -25.82
CA ASN A 620 7.57 6.97 -24.86
C ASN A 620 8.35 5.68 -25.09
N GLU A 621 9.31 5.41 -24.22
CA GLU A 621 10.16 4.23 -24.33
C GLU A 621 10.04 3.28 -23.15
N LYS A 622 9.91 3.78 -21.93
CA LYS A 622 9.97 2.92 -20.75
C LYS A 622 8.87 3.22 -19.74
N ASN A 623 8.30 4.42 -19.79
CA ASN A 623 7.38 4.89 -18.76
C ASN A 623 5.95 4.87 -19.25
N PHE A 624 5.03 4.65 -18.31
CA PHE A 624 3.60 4.80 -18.53
C PHE A 624 3.30 6.30 -18.58
N VAL A 625 3.60 6.91 -19.74
CA VAL A 625 3.46 8.35 -19.86
C VAL A 625 2.01 8.80 -19.73
N GLY A 626 1.07 7.94 -20.06
CA GLY A 626 -0.33 8.28 -19.96
C GLY A 626 -0.96 8.49 -21.32
N LEU A 627 -2.20 8.03 -21.45
CA LEU A 627 -2.99 8.24 -22.66
C LEU A 627 -4.40 8.63 -22.25
N THR A 628 -4.99 9.54 -23.01
CA THR A 628 -6.37 9.94 -22.81
C THR A 628 -6.97 10.26 -24.18
N VAL A 629 -8.29 10.15 -24.29
CA VAL A 629 -8.96 10.24 -25.57
C VAL A 629 -10.37 10.77 -25.37
N ASN A 630 -10.82 11.63 -26.27
CA ASN A 630 -12.21 11.97 -26.44
C ASN A 630 -12.64 11.51 -27.83
N SER A 631 -13.86 11.88 -28.22
CA SER A 631 -14.40 11.40 -29.48
C SER A 631 -13.61 11.86 -30.70
N GLU A 632 -12.75 12.86 -30.56
CA GLU A 632 -12.04 13.42 -31.71
C GLU A 632 -10.54 13.48 -31.54
N TYR A 633 -10.05 13.73 -30.33
CA TYR A 633 -8.63 13.99 -30.10
C TYR A 633 -8.02 12.89 -29.24
N LEU A 634 -6.72 12.68 -29.41
CA LEU A 634 -5.92 11.84 -28.55
C LEU A 634 -4.88 12.71 -27.84
N ALA A 635 -4.48 12.31 -26.64
CA ALA A 635 -3.45 13.04 -25.94
C ALA A 635 -2.61 12.06 -25.14
N CYS A 636 -1.31 12.34 -25.05
CA CYS A 636 -0.39 11.44 -24.38
C CYS A 636 0.72 12.26 -23.73
N GLY A 637 1.40 11.62 -22.78
CA GLY A 637 2.56 12.20 -22.13
C GLY A 637 3.85 11.85 -22.84
N SER A 638 4.95 12.29 -22.23
CA SER A 638 6.27 12.04 -22.80
C SER A 638 7.30 12.07 -21.68
N GLU A 639 8.45 11.45 -21.95
CA GLU A 639 9.62 11.58 -21.07
C GLU A 639 10.35 12.89 -21.27
N THR A 640 9.78 13.81 -22.05
CA THR A 640 10.32 15.16 -22.19
C THR A 640 9.45 16.18 -21.47
N ASN A 641 8.71 15.74 -20.46
CA ASN A 641 7.87 16.63 -19.64
C ASN A 641 6.98 17.50 -20.50
N GLU A 642 6.20 16.88 -21.36
CA GLU A 642 5.26 17.59 -22.20
C GLU A 642 4.13 16.68 -22.61
N VAL A 643 3.00 17.29 -22.96
CA VAL A 643 1.80 16.57 -23.38
C VAL A 643 1.57 16.85 -24.86
N TYR A 644 1.44 15.79 -25.65
CA TYR A 644 1.18 15.91 -27.09
C TYR A 644 -0.27 15.58 -27.38
N VAL A 645 -0.89 16.36 -28.25
CA VAL A 645 -2.29 16.20 -28.63
C VAL A 645 -2.36 16.02 -30.14
N TYR A 646 -3.01 14.93 -30.55
CA TYR A 646 -3.18 14.55 -31.95
C TYR A 646 -4.65 14.59 -32.33
N HIS A 647 -4.91 14.86 -33.60
CA HIS A 647 -6.23 14.62 -34.17
C HIS A 647 -6.28 13.22 -34.75
N LYS A 648 -7.44 12.57 -34.63
CA LYS A 648 -7.53 11.17 -35.04
C LYS A 648 -7.37 10.99 -36.54
N GLU A 649 -7.32 12.08 -37.31
CA GLU A 649 -7.15 12.02 -38.75
C GLU A 649 -5.80 12.53 -39.21
N ILE A 650 -4.99 13.09 -38.31
CA ILE A 650 -3.68 13.64 -38.64
C ILE A 650 -2.64 12.93 -37.80
N THR A 651 -1.61 12.40 -38.45
CA THR A 651 -0.58 11.65 -37.72
C THR A 651 0.36 12.56 -36.95
N ARG A 652 0.69 13.72 -37.50
CA ARG A 652 1.58 14.64 -36.81
C ARG A 652 0.85 15.26 -35.62
N PRO A 653 1.50 15.48 -34.47
CA PRO A 653 0.78 16.07 -33.35
C PRO A 653 0.21 17.42 -33.72
N VAL A 654 -1.11 17.57 -33.53
CA VAL A 654 -1.73 18.86 -33.82
C VAL A 654 -1.22 19.92 -32.85
N THR A 655 -0.76 19.54 -31.66
CA THR A 655 -0.18 20.52 -30.76
C THR A 655 0.52 19.79 -29.62
N SER A 656 1.17 20.57 -28.74
CA SER A 656 1.83 20.03 -27.56
C SER A 656 2.00 21.16 -26.56
N HIS A 657 2.29 20.79 -25.31
CA HIS A 657 2.50 21.76 -24.24
C HIS A 657 3.65 21.29 -23.37
N ARG A 658 4.52 22.23 -22.99
CA ARG A 658 5.67 21.93 -22.15
C ARG A 658 5.37 22.30 -20.70
N PHE A 659 5.60 21.37 -19.78
CA PHE A 659 5.48 21.69 -18.36
C PHE A 659 6.58 22.64 -17.91
N GLY A 660 7.80 22.44 -18.41
CA GLY A 660 8.91 23.31 -18.07
C GLY A 660 9.19 23.35 -16.58
N GLY A 672 16.83 18.08 -14.63
CA GLY A 672 15.56 17.43 -14.40
C GLY A 672 15.23 16.40 -15.46
N SER A 673 14.90 15.19 -15.03
CA SER A 673 14.54 14.09 -15.92
C SER A 673 13.09 13.69 -15.73
N TYR A 674 12.21 14.68 -15.58
CA TYR A 674 10.81 14.44 -15.27
C TYR A 674 10.05 14.01 -16.53
N PHE A 675 8.87 13.45 -16.31
CA PHE A 675 8.04 12.97 -17.41
C PHE A 675 6.58 13.13 -17.01
N ILE A 676 5.72 13.08 -18.01
CA ILE A 676 4.27 13.16 -17.79
C ILE A 676 3.77 11.78 -17.41
N SER A 677 3.09 11.69 -16.26
CA SER A 677 2.62 10.42 -15.74
C SER A 677 1.16 10.13 -16.04
N ALA A 678 0.30 11.15 -15.98
CA ALA A 678 -1.13 10.93 -16.15
C ALA A 678 -1.72 12.02 -17.02
N VAL A 679 -2.72 11.65 -17.82
CA VAL A 679 -3.49 12.59 -18.62
C VAL A 679 -4.94 12.13 -18.68
N CYS A 680 -5.85 13.09 -18.75
CA CYS A 680 -7.28 12.77 -18.77
C CYS A 680 -8.12 13.88 -19.37
N TRP A 681 -8.84 13.61 -20.44
CA TRP A 681 -9.78 14.56 -21.01
C TRP A 681 -11.00 14.70 -20.13
N LYS A 682 -11.49 15.93 -19.99
CA LYS A 682 -12.75 16.18 -19.28
C LYS A 682 -13.88 16.02 -20.30
N SER A 683 -14.57 14.89 -20.23
CA SER A 683 -15.67 14.62 -21.16
C SER A 683 -15.20 14.82 -22.58
N ASP A 684 -16.04 15.43 -23.42
CA ASP A 684 -15.65 15.86 -24.76
C ASP A 684 -15.18 17.31 -24.79
N SER A 685 -15.16 17.97 -23.63
CA SER A 685 -14.71 19.34 -23.57
C SER A 685 -13.21 19.42 -23.82
N PRO A 686 -12.72 20.59 -24.26
CA PRO A 686 -11.28 20.72 -24.54
C PRO A 686 -10.41 20.78 -23.30
N THR A 687 -10.98 20.82 -22.10
CA THR A 687 -10.17 20.84 -20.89
C THR A 687 -9.60 19.46 -20.61
N MET A 688 -8.50 19.44 -19.86
CA MET A 688 -7.72 18.23 -19.64
C MET A 688 -6.96 18.38 -18.34
N LEU A 689 -6.80 17.27 -17.63
CA LEU A 689 -5.93 17.20 -16.46
C LEU A 689 -4.66 16.47 -16.85
N THR A 690 -3.52 16.96 -16.37
CA THR A 690 -2.24 16.34 -16.66
C THR A 690 -1.38 16.38 -15.41
N ALA A 691 -0.50 15.38 -15.29
CA ALA A 691 0.33 15.26 -14.09
C ALA A 691 1.66 14.62 -14.47
N ASN A 692 2.74 15.20 -13.97
CA ASN A 692 4.10 14.75 -14.23
C ASN A 692 4.67 14.03 -13.00
N SER A 693 5.95 13.69 -13.08
CA SER A 693 6.59 12.92 -12.01
C SER A 693 6.92 13.76 -10.78
N GLN A 694 6.84 15.09 -10.87
CA GLN A 694 6.97 15.92 -9.69
C GLN A 694 5.72 15.93 -8.81
N GLY A 695 4.62 15.37 -9.30
CA GLY A 695 3.35 15.52 -8.63
C GLY A 695 2.64 16.82 -8.92
N THR A 696 3.08 17.54 -9.94
CA THR A 696 2.46 18.81 -10.33
C THR A 696 1.30 18.52 -11.26
N ILE A 697 0.09 18.93 -10.86
CA ILE A 697 -1.12 18.73 -11.64
C ILE A 697 -1.45 20.05 -12.32
N LYS A 698 -1.66 20.00 -13.64
CA LYS A 698 -2.00 21.15 -14.42
C LYS A 698 -3.29 20.90 -15.20
N VAL A 699 -4.07 21.95 -15.38
CA VAL A 699 -5.31 21.90 -16.14
C VAL A 699 -5.06 22.66 -17.43
N LEU A 700 -5.21 21.97 -18.55
CA LEU A 700 -4.91 22.50 -19.87
C LEU A 700 -6.20 22.60 -20.67
N VAL A 701 -6.23 23.51 -21.65
CA VAL A 701 -7.42 23.69 -22.48
C VAL A 701 -6.97 23.94 -23.91
N LEU A 702 -7.49 23.15 -24.85
CA LEU A 702 -7.21 23.39 -26.26
C LEU A 702 -7.82 24.72 -26.69
N ALA A 703 -7.03 25.52 -27.41
CA ALA A 703 -7.48 26.82 -27.87
C ALA A 703 -6.73 27.17 -29.15
N ALA A 704 -7.28 28.14 -29.87
CA ALA A 704 -6.66 28.60 -31.11
C ALA A 704 -5.44 29.47 -30.81
N PRO B 41 33.10 -16.06 17.71
CA PRO B 41 31.82 -16.70 18.01
C PRO B 41 30.66 -16.06 17.26
N PRO B 42 29.52 -16.75 17.19
CA PRO B 42 28.35 -16.15 16.56
C PRO B 42 27.82 -14.97 17.34
N ARG B 43 27.19 -14.05 16.64
CA ARG B 43 26.66 -12.83 17.23
C ARG B 43 25.16 -12.98 17.42
N LYS B 44 24.72 -13.06 18.67
CA LYS B 44 23.34 -13.39 18.98
C LYS B 44 22.41 -12.23 18.63
N VAL B 45 21.14 -12.56 18.44
CA VAL B 45 20.12 -11.59 18.06
C VAL B 45 19.52 -10.97 19.31
N LEU B 46 19.60 -9.66 19.43
CA LEU B 46 19.03 -8.94 20.56
C LEU B 46 17.59 -8.51 20.28
N ILE B 47 17.29 -8.16 19.03
CA ILE B 47 15.95 -7.70 18.66
C ILE B 47 15.68 -8.11 17.23
N ILE B 48 14.41 -8.35 16.89
CA ILE B 48 13.98 -8.57 15.52
C ILE B 48 12.76 -7.70 15.25
N SER B 49 12.53 -7.42 13.97
CA SER B 49 11.37 -6.67 13.55
C SER B 49 11.09 -6.98 12.10
N ALA B 50 9.84 -6.78 11.69
CA ALA B 50 9.42 -7.08 10.33
C ALA B 50 8.50 -5.97 9.85
N GLY B 51 8.63 -5.64 8.57
CA GLY B 51 7.77 -4.64 7.96
C GLY B 51 6.96 -5.22 6.83
N ALA B 52 6.61 -4.40 5.84
CA ALA B 52 5.80 -4.89 4.74
C ALA B 52 6.48 -6.04 4.03
N SER B 53 7.67 -5.81 3.48
CA SER B 53 8.40 -6.81 2.74
C SER B 53 9.88 -6.76 3.11
N HIS B 54 10.17 -6.34 4.33
CA HIS B 54 11.55 -6.31 4.79
C HIS B 54 11.60 -6.71 6.25
N SER B 55 12.77 -7.17 6.67
CA SER B 55 13.02 -7.61 8.03
C SER B 55 14.29 -6.95 8.53
N VAL B 56 14.38 -6.81 9.84
CA VAL B 56 15.52 -6.16 10.48
C VAL B 56 15.83 -6.91 11.77
N ALA B 57 17.10 -6.93 12.15
CA ALA B 57 17.55 -7.54 13.39
C ALA B 57 18.63 -6.68 14.00
N LEU B 58 18.68 -6.67 15.32
CA LEU B 58 19.73 -6.03 16.09
C LEU B 58 20.50 -7.12 16.81
N LEU B 59 21.79 -7.22 16.52
CA LEU B 59 22.67 -8.27 16.98
C LEU B 59 23.63 -7.73 18.05
N SER B 60 24.08 -8.65 18.90
CA SER B 60 25.00 -8.29 19.97
C SER B 60 26.12 -7.41 19.44
N GLY B 61 26.64 -6.53 20.30
CA GLY B 61 27.54 -5.49 19.85
C GLY B 61 26.83 -4.34 19.18
N ASP B 62 25.50 -4.35 19.16
CA ASP B 62 24.71 -3.30 18.51
C ASP B 62 25.04 -3.21 17.03
N ILE B 63 24.86 -4.32 16.32
CA ILE B 63 25.04 -4.36 14.86
C ILE B 63 23.67 -4.54 14.23
N VAL B 64 23.27 -3.61 13.39
CA VAL B 64 21.96 -3.65 12.74
C VAL B 64 22.11 -4.37 11.42
N CYS B 65 21.36 -5.45 11.26
CA CYS B 65 21.31 -6.23 10.03
C CYS B 65 19.92 -6.08 9.45
N SER B 66 19.80 -6.00 8.13
CA SER B 66 18.51 -5.84 7.50
C SER B 66 18.49 -6.58 6.18
N TRP B 67 17.30 -7.03 5.78
CA TRP B 67 17.19 -7.79 4.53
C TRP B 67 15.75 -7.73 4.03
N GLY B 68 15.55 -8.31 2.86
CA GLY B 68 14.23 -8.36 2.26
C GLY B 68 14.06 -7.38 1.12
N ARG B 69 12.85 -6.86 0.93
CA ARG B 69 12.62 -5.83 -0.08
C ARG B 69 13.24 -4.52 0.39
N GLY B 70 13.95 -3.85 -0.52
CA GLY B 70 14.56 -2.58 -0.19
C GLY B 70 14.35 -1.55 -1.29
N GLU B 71 13.39 -1.82 -2.18
CA GLU B 71 13.18 -0.97 -3.34
C GLU B 71 12.79 0.46 -2.97
N ASP B 72 12.26 0.69 -1.77
CA ASP B 72 12.00 2.03 -1.27
C ASP B 72 13.12 2.53 -0.36
N GLY B 73 14.20 1.77 -0.21
CA GLY B 73 15.30 2.16 0.63
C GLY B 73 15.14 1.83 2.10
N GLN B 74 14.11 1.08 2.47
CA GLN B 74 13.86 0.78 3.87
C GLN B 74 14.95 -0.11 4.49
N LEU B 75 15.79 -0.75 3.68
CA LEU B 75 16.88 -1.56 4.20
C LEU B 75 18.07 -0.73 4.66
N GLY B 76 18.17 0.52 4.23
CA GLY B 76 19.24 1.39 4.67
C GLY B 76 20.63 0.99 4.23
N HIS B 77 20.79 0.60 2.96
CA HIS B 77 22.09 0.25 2.42
C HIS B 77 22.59 1.25 1.38
N GLY B 78 21.86 2.34 1.15
CA GLY B 78 22.23 3.30 0.13
C GLY B 78 21.75 2.96 -1.27
N ASP B 79 21.11 1.80 -1.46
CA ASP B 79 20.63 1.40 -2.77
C ASP B 79 19.29 0.70 -2.61
N ALA B 80 18.55 0.64 -3.72
CA ALA B 80 17.22 0.05 -3.74
C ALA B 80 17.25 -1.46 -3.94
N GLU B 81 18.43 -2.05 -4.10
CA GLU B 81 18.54 -3.48 -4.37
C GLU B 81 18.00 -4.30 -3.20
N ASP B 82 17.31 -5.38 -3.52
CA ASP B 82 16.81 -6.28 -2.50
C ASP B 82 17.95 -7.10 -1.90
N ARG B 83 17.72 -7.60 -0.68
CA ARG B 83 18.71 -8.40 0.02
C ARG B 83 18.10 -9.74 0.44
N PRO B 84 18.30 -10.81 -0.32
CA PRO B 84 17.67 -12.09 0.04
C PRO B 84 18.21 -12.70 1.31
N SER B 85 19.34 -12.21 1.82
CA SER B 85 19.96 -12.78 3.01
C SER B 85 20.34 -11.64 3.94
N PRO B 86 20.45 -11.90 5.24
CA PRO B 86 20.75 -10.81 6.18
C PRO B 86 22.00 -10.03 5.81
N THR B 87 21.85 -8.72 5.59
CA THR B 87 22.93 -7.86 5.14
C THR B 87 23.24 -6.83 6.22
N GLN B 88 24.48 -6.80 6.68
CA GLN B 88 24.85 -5.90 7.76
C GLN B 88 24.66 -4.45 7.33
N LEU B 89 23.80 -3.73 8.06
CA LEU B 89 23.56 -2.30 7.80
C LEU B 89 24.74 -1.54 8.40
N SER B 90 25.76 -1.35 7.57
CA SER B 90 27.02 -0.77 8.05
C SER B 90 26.88 0.69 8.46
N ALA B 91 25.87 1.39 7.95
CA ALA B 91 25.73 2.81 8.24
C ALA B 91 25.60 3.09 9.72
N LEU B 92 24.99 2.20 10.49
CA LEU B 92 24.73 2.42 11.90
C LEU B 92 25.79 1.82 12.81
N ASP B 93 26.89 1.33 12.25
CA ASP B 93 27.92 0.70 13.06
C ASP B 93 28.49 1.71 14.07
N GLY B 94 28.61 1.27 15.32
CA GLY B 94 29.19 2.09 16.36
C GLY B 94 28.28 3.15 16.95
N HIS B 95 27.00 3.15 16.60
CA HIS B 95 26.06 4.13 17.11
C HIS B 95 25.36 3.67 18.39
N GLN B 96 25.71 2.49 18.91
CA GLN B 96 25.09 1.96 20.13
C GLN B 96 23.57 1.90 19.98
N ILE B 97 23.13 1.45 18.81
CA ILE B 97 21.69 1.31 18.58
C ILE B 97 21.12 0.38 19.64
N VAL B 98 20.19 0.91 20.43
CA VAL B 98 19.57 0.13 21.50
C VAL B 98 18.30 -0.57 21.06
N SER B 99 17.62 -0.06 20.02
CA SER B 99 16.48 -0.81 19.50
C SER B 99 16.18 -0.36 18.09
N VAL B 100 15.40 -1.17 17.38
CA VAL B 100 15.06 -0.94 15.99
C VAL B 100 13.66 -1.48 15.74
N THR B 101 12.87 -0.75 14.96
CA THR B 101 11.52 -1.16 14.61
C THR B 101 11.26 -0.79 13.15
N CYS B 102 10.30 -1.48 12.54
CA CYS B 102 10.02 -1.35 11.12
C CYS B 102 8.59 -0.91 10.89
N GLY B 103 8.42 0.05 10.00
CA GLY B 103 7.12 0.48 9.54
C GLY B 103 6.69 -0.27 8.29
N ALA B 104 5.73 0.32 7.58
CA ALA B 104 5.27 -0.30 6.34
C ALA B 104 6.43 -0.49 5.38
N ASP B 105 7.01 0.62 4.92
CA ASP B 105 8.17 0.61 4.03
C ASP B 105 9.24 1.56 4.54
N HIS B 106 9.32 1.72 5.86
CA HIS B 106 10.33 2.54 6.48
C HIS B 106 10.76 1.87 7.77
N THR B 107 11.97 2.23 8.23
CA THR B 107 12.53 1.67 9.44
C THR B 107 13.05 2.82 10.30
N VAL B 108 12.98 2.62 11.62
CA VAL B 108 13.49 3.56 12.60
C VAL B 108 14.32 2.78 13.60
N ALA B 109 15.30 3.45 14.19
CA ALA B 109 16.14 2.85 15.22
C ALA B 109 16.50 3.96 16.21
N TYR B 110 16.86 3.57 17.42
CA TYR B 110 17.29 4.58 18.38
C TYR B 110 18.37 4.01 19.29
N SER B 111 19.32 4.88 19.60
CA SER B 111 20.43 4.60 20.50
C SER B 111 20.27 5.49 21.73
N GLN B 112 20.19 4.87 22.91
CA GLN B 112 20.07 5.62 24.15
C GLN B 112 21.42 6.21 24.55
N SER B 113 22.51 5.49 24.29
CA SER B 113 23.83 6.01 24.62
C SER B 113 24.11 7.29 23.85
N GLY B 114 23.77 7.33 22.56
CA GLY B 114 23.86 8.55 21.78
C GLY B 114 22.64 9.44 21.88
N MET B 115 21.57 8.96 22.52
CA MET B 115 20.33 9.71 22.62
C MET B 115 19.87 10.21 21.25
N GLU B 116 19.91 9.33 20.25
CA GLU B 116 19.63 9.70 18.87
C GLU B 116 18.66 8.71 18.26
N VAL B 117 17.89 9.18 17.28
CA VAL B 117 16.94 8.36 16.54
C VAL B 117 17.24 8.51 15.05
N TYR B 118 17.40 7.38 14.37
CA TYR B 118 17.69 7.32 12.96
C TYR B 118 16.51 6.74 12.21
N SER B 119 16.29 7.19 10.99
CA SER B 119 15.19 6.69 10.19
C SER B 119 15.61 6.59 8.73
N TRP B 120 15.00 5.65 8.01
CA TRP B 120 15.24 5.54 6.58
C TRP B 120 14.05 4.82 5.94
N GLY B 121 14.01 4.87 4.62
CA GLY B 121 12.91 4.27 3.88
C GLY B 121 11.87 5.30 3.48
N TRP B 122 10.63 4.85 3.31
CA TRP B 122 9.55 5.73 2.87
C TRP B 122 9.25 6.72 3.99
N GLY B 123 9.77 7.93 3.87
CA GLY B 123 9.69 8.92 4.93
C GLY B 123 8.94 10.19 4.62
N ASP B 124 8.11 10.22 3.57
CA ASP B 124 7.34 11.42 3.28
C ASP B 124 6.23 11.60 4.31
N PHE B 125 5.43 12.65 4.12
CA PHE B 125 4.33 13.00 5.04
C PHE B 125 4.83 13.28 6.44
N GLY B 126 6.14 13.44 6.63
CA GLY B 126 6.70 13.81 7.91
C GLY B 126 7.08 12.66 8.81
N ARG B 127 6.70 11.42 8.47
CA ARG B 127 7.06 10.29 9.33
C ARG B 127 8.57 10.12 9.42
N LEU B 128 9.32 10.71 8.50
CA LEU B 128 10.77 10.73 8.62
C LEU B 128 11.19 11.46 9.88
N GLY B 129 10.57 12.60 10.18
CA GLY B 129 10.88 13.39 11.35
C GLY B 129 11.92 14.46 11.14
N HIS B 130 12.39 14.66 9.92
CA HIS B 130 13.42 15.65 9.61
C HIS B 130 12.84 17.00 9.20
N GLY B 131 11.52 17.16 9.30
CA GLY B 131 10.90 18.40 8.89
C GLY B 131 10.66 18.51 7.40
N ASN B 132 10.91 17.44 6.65
CA ASN B 132 10.66 17.43 5.21
C ASN B 132 10.39 16.00 4.78
N SER B 133 9.74 15.88 3.63
CA SER B 133 9.37 14.57 3.09
C SER B 133 10.49 14.00 2.22
N SER B 134 11.50 13.46 2.89
CA SER B 134 12.64 12.85 2.23
C SER B 134 12.60 11.34 2.40
N ASP B 135 12.93 10.61 1.34
CA ASP B 135 12.85 9.16 1.30
C ASP B 135 14.22 8.54 0.98
N LEU B 136 15.26 9.02 1.65
CA LEU B 136 16.62 8.59 1.34
C LEU B 136 16.83 7.13 1.71
N PHE B 137 17.86 6.53 1.11
CA PHE B 137 18.10 5.10 1.23
C PHE B 137 19.08 4.72 2.34
N THR B 138 19.51 5.67 3.17
CA THR B 138 20.42 5.40 4.26
C THR B 138 19.89 6.01 5.54
N PRO B 139 20.28 5.49 6.70
CA PRO B 139 19.84 6.08 7.96
C PRO B 139 20.23 7.55 8.05
N LEU B 140 19.31 8.37 8.56
CA LEU B 140 19.55 9.77 8.82
C LEU B 140 19.08 10.10 10.23
N PRO B 141 19.80 10.94 10.98
CA PRO B 141 19.40 11.20 12.37
C PRO B 141 18.25 12.18 12.49
N ILE B 142 17.16 11.77 13.15
CA ILE B 142 16.01 12.64 13.32
C ILE B 142 16.36 13.71 14.34
N LYS B 143 16.71 14.90 13.87
CA LYS B 143 17.17 15.95 14.77
C LYS B 143 16.02 16.52 15.59
N ALA B 144 14.80 16.49 15.05
CA ALA B 144 13.64 16.98 15.80
C ALA B 144 13.44 16.20 17.09
N LEU B 145 13.96 14.97 17.17
CA LEU B 145 13.86 14.15 18.37
C LEU B 145 15.22 13.94 19.04
N HIS B 146 16.21 14.77 18.71
CA HIS B 146 17.53 14.62 19.31
C HIS B 146 17.49 14.99 20.78
N GLY B 147 18.17 14.19 21.60
CA GLY B 147 18.29 14.47 23.02
C GLY B 147 17.10 14.07 23.85
N ILE B 148 16.08 13.45 23.26
CA ILE B 148 14.90 13.00 23.99
C ILE B 148 15.15 11.57 24.43
N ARG B 149 14.89 11.28 25.70
CA ARG B 149 15.13 9.95 26.27
C ARG B 149 13.96 9.05 25.91
N ILE B 150 14.10 8.35 24.80
CA ILE B 150 13.01 7.56 24.22
C ILE B 150 12.99 6.18 24.87
N LYS B 151 11.85 5.83 25.46
CA LYS B 151 11.64 4.50 26.01
C LYS B 151 11.20 3.50 24.96
N GLN B 152 10.52 3.97 23.91
CA GLN B 152 10.02 3.10 22.87
C GLN B 152 9.67 3.92 21.64
N ILE B 153 9.70 3.29 20.47
CA ILE B 153 9.22 3.88 19.23
C ILE B 153 8.38 2.84 18.51
N ALA B 154 7.15 3.20 18.16
CA ALA B 154 6.27 2.35 17.37
C ALA B 154 6.05 2.99 16.01
N CYS B 155 6.30 2.24 14.95
CA CYS B 155 6.16 2.72 13.59
C CYS B 155 4.88 2.17 12.98
N GLY B 156 3.96 3.06 12.63
CA GLY B 156 2.79 2.71 11.87
C GLY B 156 3.08 2.73 10.38
N ASP B 157 2.02 2.56 9.60
CA ASP B 157 2.20 2.53 8.16
C ASP B 157 2.66 3.88 7.62
N SER B 158 2.12 4.97 8.17
CA SER B 158 2.49 6.31 7.70
C SER B 158 2.63 7.28 8.87
N HIS B 159 2.89 6.76 10.07
CA HIS B 159 3.09 7.61 11.24
C HIS B 159 3.91 6.84 12.25
N CYS B 160 4.50 7.57 13.18
CA CYS B 160 5.30 6.98 14.23
C CYS B 160 4.99 7.67 15.55
N LEU B 161 5.19 6.93 16.63
CA LEU B 161 5.01 7.43 17.99
C LEU B 161 6.23 7.05 18.80
N ALA B 162 6.52 7.86 19.81
CA ALA B 162 7.73 7.71 20.61
C ALA B 162 7.36 7.95 22.07
N VAL B 163 7.47 6.91 22.88
CA VAL B 163 7.22 7.00 24.32
C VAL B 163 8.55 7.32 24.99
N THR B 164 8.59 8.43 25.72
CA THR B 164 9.77 8.84 26.45
C THR B 164 9.76 8.25 27.85
N MET B 165 10.91 8.34 28.53
CA MET B 165 11.03 7.72 29.85
C MET B 165 10.04 8.30 30.85
N GLU B 166 9.58 9.53 30.63
CA GLU B 166 8.66 10.16 31.56
C GLU B 166 7.22 9.68 31.38
N GLY B 167 6.97 8.73 30.48
CA GLY B 167 5.63 8.28 30.23
C GLY B 167 4.84 9.12 29.27
N GLU B 168 5.48 10.08 28.62
CA GLU B 168 4.85 10.92 27.61
C GLU B 168 4.85 10.19 26.27
N VAL B 169 4.13 10.75 25.31
CA VAL B 169 4.11 10.26 23.94
C VAL B 169 4.29 11.44 23.01
N GLN B 170 5.11 11.26 21.98
CA GLN B 170 5.26 12.23 20.91
C GLN B 170 5.04 11.55 19.57
N SER B 171 4.19 12.15 18.74
CA SER B 171 3.74 11.50 17.53
C SER B 171 4.00 12.39 16.33
N TRP B 172 4.25 11.75 15.19
CA TRP B 172 4.47 12.48 13.95
C TRP B 172 4.11 11.57 12.78
N GLY B 173 4.10 12.16 11.58
CA GLY B 173 3.62 11.47 10.40
C GLY B 173 2.39 12.16 9.86
N ARG B 174 1.55 11.43 9.13
CA ARG B 174 0.32 12.02 8.62
C ARG B 174 -0.86 11.68 9.52
N ASN B 175 -1.76 12.64 9.66
CA ASN B 175 -2.87 12.59 10.60
C ASN B 175 -4.20 12.65 9.88
N GLN B 176 -4.33 11.90 8.78
CA GLN B 176 -5.57 11.94 8.02
C GLN B 176 -6.74 11.40 8.83
N ASN B 177 -6.53 10.30 9.56
CA ASN B 177 -7.59 9.67 10.36
C ASN B 177 -7.48 10.02 11.83
N GLY B 178 -6.73 11.06 12.18
CA GLY B 178 -6.55 11.42 13.57
C GLY B 178 -5.76 10.41 14.37
N GLN B 179 -4.99 9.56 13.72
CA GLN B 179 -4.25 8.52 14.43
C GLN B 179 -3.14 9.08 15.31
N LEU B 180 -2.63 10.27 15.01
CA LEU B 180 -1.59 10.88 15.83
C LEU B 180 -2.09 11.30 17.20
N GLY B 181 -3.40 11.35 17.41
CA GLY B 181 -3.96 11.71 18.70
C GLY B 181 -3.88 13.17 19.05
N LEU B 182 -3.75 14.05 18.06
CA LEU B 182 -3.60 15.48 18.31
C LEU B 182 -4.93 16.21 18.40
N GLY B 183 -6.05 15.49 18.33
CA GLY B 183 -7.36 16.10 18.43
C GLY B 183 -7.91 16.64 17.13
N ASP B 184 -7.12 16.62 16.06
CA ASP B 184 -7.54 17.14 14.77
C ASP B 184 -6.67 16.54 13.69
N THR B 185 -7.16 16.59 12.44
CA THR B 185 -6.56 15.90 11.31
C THR B 185 -5.73 16.88 10.47
N GLU B 186 -4.53 17.20 10.96
CA GLU B 186 -3.56 17.91 10.13
C GLU B 186 -2.21 17.21 10.29
N ASP B 187 -1.49 17.09 9.18
CA ASP B 187 -0.22 16.38 9.20
C ASP B 187 0.81 17.14 10.03
N SER B 188 1.72 16.38 10.64
CA SER B 188 2.80 16.97 11.43
C SER B 188 4.12 16.29 11.04
N LEU B 189 5.12 17.11 10.75
CA LEU B 189 6.46 16.62 10.43
C LEU B 189 7.37 16.56 11.63
N VAL B 190 6.93 17.04 12.79
CA VAL B 190 7.76 17.11 13.98
C VAL B 190 7.10 16.33 15.11
N PRO B 191 7.85 15.56 15.90
CA PRO B 191 7.23 14.88 17.04
C PRO B 191 6.47 15.84 17.94
N GLN B 192 5.15 15.70 17.99
CA GLN B 192 4.29 16.59 18.75
C GLN B 192 3.72 15.82 19.92
N LYS B 193 3.92 16.34 21.13
CA LYS B 193 3.39 15.69 22.31
C LYS B 193 1.87 15.56 22.19
N ILE B 194 1.35 14.40 22.58
CA ILE B 194 -0.08 14.18 22.61
C ILE B 194 -0.62 14.80 23.90
N GLN B 195 -1.10 16.04 23.82
CA GLN B 195 -1.57 16.73 25.02
C GLN B 195 -2.75 16.03 25.65
N ALA B 196 -3.42 15.12 24.92
CA ALA B 196 -4.51 14.36 25.51
C ALA B 196 -4.02 13.46 26.63
N PHE B 197 -2.72 13.22 26.72
CA PHE B 197 -2.12 12.42 27.79
C PHE B 197 -1.40 13.27 28.82
N GLU B 198 -1.91 14.46 29.12
CA GLU B 198 -1.30 15.27 30.17
C GLU B 198 -1.45 14.56 31.51
N GLY B 199 -0.34 14.34 32.19
CA GLY B 199 -0.35 13.75 33.51
C GLY B 199 -0.59 12.26 33.55
N ILE B 200 -0.58 11.58 32.41
CA ILE B 200 -0.77 10.13 32.35
C ILE B 200 0.52 9.51 31.80
N ARG B 201 1.10 8.60 32.57
CA ARG B 201 2.32 7.91 32.19
C ARG B 201 1.95 6.68 31.38
N ILE B 202 2.48 6.58 30.16
CA ILE B 202 2.14 5.49 29.24
C ILE B 202 3.24 4.45 29.21
N LYS B 203 2.85 3.20 29.48
CA LYS B 203 3.81 2.10 29.47
C LYS B 203 4.30 1.81 28.06
N MET B 204 3.39 1.68 27.10
CA MET B 204 3.77 1.38 25.73
C MET B 204 2.64 1.80 24.80
N VAL B 205 2.98 1.93 23.51
CA VAL B 205 2.01 2.22 22.47
C VAL B 205 2.30 1.29 21.29
N ALA B 206 1.25 1.01 20.52
CA ALA B 206 1.35 0.23 19.31
C ALA B 206 0.58 0.94 18.21
N ALA B 207 1.16 0.97 17.02
CA ALA B 207 0.58 1.68 15.89
C ALA B 207 0.24 0.70 14.79
N GLY B 208 -0.99 0.78 14.28
CA GLY B 208 -1.44 0.01 13.14
C GLY B 208 -1.31 0.81 11.86
N ALA B 209 -2.10 0.43 10.86
CA ALA B 209 -2.08 1.14 9.59
C ALA B 209 -2.53 2.58 9.75
N GLU B 210 -3.69 2.78 10.38
CA GLU B 210 -4.27 4.11 10.54
C GLU B 210 -4.83 4.30 11.94
N HIS B 211 -4.41 3.47 12.90
CA HIS B 211 -4.87 3.61 14.27
C HIS B 211 -3.73 3.23 15.19
N THR B 212 -3.86 3.63 16.45
CA THR B 212 -2.88 3.33 17.48
C THR B 212 -3.61 3.01 18.77
N ALA B 213 -2.86 2.49 19.74
CA ALA B 213 -3.46 2.07 21.01
C ALA B 213 -2.38 2.14 22.09
N ALA B 214 -2.49 3.15 22.94
CA ALA B 214 -1.56 3.30 24.05
C ALA B 214 -2.07 2.59 25.29
N VAL B 215 -1.14 2.19 26.14
CA VAL B 215 -1.45 1.53 27.41
C VAL B 215 -0.78 2.32 28.53
N THR B 216 -1.58 2.82 29.46
CA THR B 216 -1.05 3.62 30.55
C THR B 216 -0.32 2.72 31.56
N GLU B 217 0.65 3.31 32.25
CA GLU B 217 1.39 2.56 33.25
C GLU B 217 0.49 2.09 34.38
N ASP B 218 -0.69 2.69 34.55
CA ASP B 218 -1.64 2.25 35.55
C ASP B 218 -2.46 1.05 35.10
N GLY B 219 -2.43 0.72 33.81
CA GLY B 219 -3.13 -0.43 33.29
C GLY B 219 -4.27 -0.12 32.34
N ASP B 220 -4.67 1.14 32.22
CA ASP B 220 -5.75 1.50 31.31
C ASP B 220 -5.35 1.18 29.88
N LEU B 221 -6.32 1.26 28.97
CA LEU B 221 -6.10 1.05 27.55
C LEU B 221 -6.74 2.19 26.77
N TYR B 222 -6.00 2.73 25.81
CA TYR B 222 -6.47 3.84 24.99
C TYR B 222 -6.41 3.44 23.52
N GLY B 223 -7.33 4.00 22.74
CA GLY B 223 -7.36 3.73 21.31
C GLY B 223 -7.84 4.94 20.56
N TRP B 224 -7.21 5.22 19.43
CA TRP B 224 -7.62 6.35 18.60
C TRP B 224 -7.12 6.13 17.19
N GLY B 225 -7.69 6.93 16.28
CA GLY B 225 -7.36 6.82 14.87
C GLY B 225 -8.47 6.17 14.06
N TRP B 226 -8.09 5.42 13.03
CA TRP B 226 -9.04 4.71 12.18
C TRP B 226 -9.71 3.63 12.99
N GLY B 227 -10.97 3.86 13.35
CA GLY B 227 -11.71 2.92 14.16
C GLY B 227 -12.96 2.39 13.49
N ARG B 228 -12.95 2.34 12.16
CA ARG B 228 -14.14 1.99 11.40
C ARG B 228 -14.28 0.49 11.16
N TYR B 229 -13.71 -0.34 12.03
CA TYR B 229 -13.92 -1.78 12.01
C TYR B 229 -14.02 -2.37 13.40
N GLY B 230 -14.26 -1.53 14.42
CA GLY B 230 -14.12 -1.97 15.79
C GLY B 230 -12.70 -2.01 16.28
N ASN B 231 -11.79 -1.33 15.58
CA ASN B 231 -10.37 -1.42 15.87
C ASN B 231 -10.03 -0.98 17.28
N LEU B 232 -10.73 0.03 17.79
CA LEU B 232 -10.32 0.74 18.99
C LEU B 232 -10.95 0.20 20.27
N GLY B 233 -11.89 -0.73 20.17
CA GLY B 233 -12.54 -1.26 21.35
C GLY B 233 -13.48 -0.30 22.02
N LEU B 234 -13.99 0.70 21.29
CA LEU B 234 -14.85 1.73 21.85
C LEU B 234 -16.33 1.42 21.69
N GLY B 235 -16.69 0.25 21.19
CA GLY B 235 -18.07 -0.14 21.06
C GLY B 235 -18.78 0.38 19.83
N ASP B 236 -18.10 1.08 18.94
CA ASP B 236 -18.70 1.55 17.69
C ASP B 236 -17.65 1.48 16.60
N ARG B 237 -17.98 2.06 15.44
CA ARG B 237 -17.09 2.02 14.28
C ARG B 237 -16.81 3.42 13.76
N THR B 238 -16.49 4.36 14.65
CA THR B 238 -16.14 5.72 14.29
C THR B 238 -14.68 5.97 14.62
N ASP B 239 -13.99 6.68 13.72
CA ASP B 239 -12.59 6.99 13.94
C ASP B 239 -12.45 8.22 14.83
N ARG B 240 -11.58 8.11 15.83
CA ARG B 240 -11.40 9.12 16.86
C ARG B 240 -10.16 9.94 16.58
N LEU B 241 -10.25 11.24 16.89
CA LEU B 241 -9.13 12.15 16.73
C LEU B 241 -8.33 12.35 18.01
N VAL B 242 -8.71 11.70 19.10
CA VAL B 242 -8.05 11.86 20.39
C VAL B 242 -7.95 10.49 21.07
N PRO B 243 -6.95 10.26 21.90
CA PRO B 243 -6.93 9.01 22.70
C PRO B 243 -8.17 8.86 23.57
N GLU B 244 -8.90 7.76 23.39
CA GLU B 244 -10.13 7.50 24.12
C GLU B 244 -9.98 6.23 24.93
N ARG B 245 -10.31 6.31 26.22
CA ARG B 245 -10.15 5.17 27.12
C ARG B 245 -11.12 4.07 26.73
N VAL B 246 -10.62 2.83 26.72
CA VAL B 246 -11.44 1.67 26.39
C VAL B 246 -12.00 1.09 27.68
N THR B 247 -13.31 1.24 27.88
CA THR B 247 -13.96 0.82 29.11
C THR B 247 -14.38 -0.65 29.10
N SER B 248 -14.40 -1.30 27.93
CA SER B 248 -14.97 -2.64 27.80
C SER B 248 -13.91 -3.71 28.07
N THR B 249 -13.47 -3.78 29.32
CA THR B 249 -12.57 -4.84 29.78
C THR B 249 -12.97 -5.44 31.11
N GLY B 250 -13.92 -4.85 31.84
CA GLY B 250 -14.34 -5.37 33.11
C GLY B 250 -13.39 -5.09 34.25
N GLY B 251 -12.67 -3.97 34.22
CA GLY B 251 -11.68 -3.65 35.22
C GLY B 251 -10.32 -4.26 34.96
N GLU B 252 -10.19 -5.07 33.91
CA GLU B 252 -8.94 -5.74 33.59
C GLU B 252 -7.88 -4.73 33.18
N LYS B 253 -6.75 -4.73 33.88
CA LYS B 253 -5.66 -3.84 33.52
C LYS B 253 -4.84 -4.46 32.39
N MET B 254 -4.45 -3.63 31.42
CA MET B 254 -3.73 -4.11 30.25
C MET B 254 -2.25 -3.79 30.37
N SER B 255 -1.41 -4.78 30.05
CA SER B 255 0.04 -4.63 30.08
C SER B 255 0.61 -4.37 28.69
N MET B 256 0.14 -5.07 27.67
CA MET B 256 0.65 -4.95 26.32
C MET B 256 -0.48 -4.63 25.36
N VAL B 257 -0.12 -4.25 24.14
CA VAL B 257 -1.08 -3.99 23.08
C VAL B 257 -0.34 -4.06 21.75
N ALA B 258 -0.96 -4.70 20.77
CA ALA B 258 -0.39 -4.82 19.44
C ALA B 258 -1.50 -4.58 18.43
N CYS B 259 -1.21 -3.76 17.42
CA CYS B 259 -2.17 -3.41 16.39
C CYS B 259 -1.76 -4.02 15.07
N GLY B 260 -2.71 -4.65 14.40
CA GLY B 260 -2.47 -5.15 13.06
C GLY B 260 -2.94 -4.16 12.03
N TRP B 261 -3.64 -4.64 11.00
CA TRP B 261 -4.25 -3.72 10.05
C TRP B 261 -5.59 -3.21 10.57
N ARG B 262 -6.53 -4.12 10.78
CA ARG B 262 -7.88 -3.80 11.20
C ARG B 262 -8.26 -4.59 12.44
N HIS B 263 -7.27 -4.96 13.25
CA HIS B 263 -7.54 -5.63 14.50
C HIS B 263 -6.48 -5.19 15.51
N THR B 264 -6.76 -5.46 16.77
CA THR B 264 -5.85 -5.12 17.85
C THR B 264 -5.83 -6.27 18.84
N ILE B 265 -4.68 -6.45 19.49
CA ILE B 265 -4.47 -7.52 20.46
C ILE B 265 -4.04 -6.89 21.76
N SER B 266 -4.65 -7.32 22.87
CA SER B 266 -4.35 -6.76 24.16
C SER B 266 -4.18 -7.88 25.17
N VAL B 267 -3.14 -7.78 25.99
CA VAL B 267 -2.85 -8.77 27.02
C VAL B 267 -3.01 -8.09 28.37
N SER B 268 -3.66 -8.76 29.31
CA SER B 268 -3.89 -8.19 30.62
C SER B 268 -2.71 -8.49 31.55
N TYR B 269 -2.73 -7.84 32.73
CA TYR B 269 -1.66 -8.05 33.69
C TYR B 269 -1.47 -9.51 34.02
N SER B 270 -2.56 -10.23 34.23
CA SER B 270 -2.49 -11.63 34.66
C SER B 270 -3.47 -12.50 33.90
N GLY B 271 -3.64 -12.25 32.61
CA GLY B 271 -4.58 -13.00 31.80
C GLY B 271 -3.99 -13.33 30.44
N ALA B 272 -4.83 -13.21 29.42
CA ALA B 272 -4.48 -13.62 28.07
C ALA B 272 -5.00 -12.56 27.10
N LEU B 273 -5.00 -12.89 25.81
CA LEU B 273 -5.33 -11.92 24.79
C LEU B 273 -6.76 -11.41 24.94
N TYR B 274 -6.96 -10.15 24.59
CA TYR B 274 -8.28 -9.55 24.42
C TYR B 274 -8.29 -8.92 23.03
N THR B 275 -8.59 -9.73 22.03
CA THR B 275 -8.56 -9.28 20.65
C THR B 275 -9.88 -8.61 20.27
N TYR B 276 -9.80 -7.76 19.25
CA TYR B 276 -10.97 -7.06 18.76
C TYR B 276 -10.64 -6.45 17.41
N GLY B 277 -11.69 -6.09 16.68
CA GLY B 277 -11.56 -5.46 15.39
C GLY B 277 -12.09 -6.33 14.26
N TRP B 278 -11.56 -6.07 13.07
CA TRP B 278 -11.99 -6.80 11.88
C TRP B 278 -11.55 -8.25 11.95
N SER B 279 -12.50 -9.17 11.74
CA SER B 279 -12.23 -10.60 11.76
C SER B 279 -12.87 -11.24 10.52
N LYS B 280 -12.14 -11.22 9.40
CA LYS B 280 -12.61 -11.86 8.19
C LYS B 280 -11.84 -13.14 7.88
N TYR B 281 -10.58 -13.21 8.30
CA TYR B 281 -9.74 -14.38 8.11
C TYR B 281 -9.45 -15.09 9.41
N GLY B 282 -10.18 -14.77 10.48
CA GLY B 282 -9.93 -15.40 11.76
C GLY B 282 -8.80 -14.78 12.55
N GLN B 283 -8.34 -13.59 12.17
CA GLN B 283 -7.19 -12.99 12.82
C GLN B 283 -7.42 -12.67 14.29
N LEU B 284 -8.67 -12.65 14.75
CA LEU B 284 -8.95 -12.52 16.17
C LEU B 284 -8.89 -13.85 16.91
N GLY B 285 -8.95 -14.96 16.18
CA GLY B 285 -8.75 -16.26 16.78
C GLY B 285 -9.77 -16.65 17.83
N HIS B 286 -11.04 -16.36 17.61
CA HIS B 286 -12.10 -16.72 18.54
C HIS B 286 -12.90 -17.93 18.08
N GLY B 287 -12.42 -18.64 17.05
CA GLY B 287 -13.13 -19.79 16.54
C GLY B 287 -14.16 -19.48 15.48
N ASP B 288 -14.35 -18.22 15.13
CA ASP B 288 -15.32 -17.83 14.12
C ASP B 288 -14.81 -16.58 13.41
N LEU B 289 -15.55 -16.14 12.40
CA LEU B 289 -15.17 -14.98 11.60
C LEU B 289 -16.01 -13.76 11.96
N GLU B 290 -16.55 -13.75 13.17
CA GLU B 290 -17.33 -12.61 13.66
C GLU B 290 -16.38 -11.56 14.22
N ASP B 291 -16.52 -10.33 13.73
CA ASP B 291 -15.72 -9.23 14.25
C ASP B 291 -16.30 -8.73 15.57
N HIS B 292 -15.42 -8.21 16.42
CA HIS B 292 -15.79 -7.75 17.76
C HIS B 292 -15.39 -6.31 17.93
N LEU B 293 -16.34 -5.49 18.37
CA LEU B 293 -16.11 -4.06 18.51
C LEU B 293 -15.57 -3.67 19.87
N ILE B 294 -15.41 -4.63 20.79
CA ILE B 294 -14.85 -4.35 22.10
C ILE B 294 -13.87 -5.46 22.45
N PRO B 295 -12.94 -5.22 23.38
CA PRO B 295 -12.02 -6.28 23.77
C PRO B 295 -12.74 -7.56 24.17
N HIS B 296 -12.56 -8.62 23.39
CA HIS B 296 -13.21 -9.89 23.65
C HIS B 296 -12.14 -10.91 24.02
N LYS B 297 -12.23 -11.42 25.25
CA LYS B 297 -11.21 -12.34 25.73
C LYS B 297 -11.11 -13.55 24.80
N LEU B 298 -9.89 -13.94 24.48
CA LEU B 298 -9.66 -15.13 23.66
C LEU B 298 -9.61 -16.32 24.61
N GLU B 299 -10.76 -16.98 24.76
CA GLU B 299 -10.89 -18.02 25.78
C GLU B 299 -10.02 -19.23 25.46
N ALA B 300 -9.69 -19.46 24.18
CA ALA B 300 -8.89 -20.62 23.84
C ALA B 300 -7.54 -20.61 24.53
N LEU B 301 -6.96 -19.42 24.73
CA LEU B 301 -5.66 -19.27 25.37
C LEU B 301 -5.77 -18.83 26.83
N SER B 302 -6.92 -19.04 27.46
CA SER B 302 -7.08 -18.66 28.87
C SER B 302 -6.29 -19.55 29.81
N ASN B 303 -5.73 -20.65 29.32
CA ASN B 303 -5.05 -21.62 30.16
C ASN B 303 -3.56 -21.36 30.29
N SER B 304 -3.03 -20.31 29.68
CA SER B 304 -1.60 -20.04 29.72
C SER B 304 -1.36 -18.54 29.78
N PHE B 305 -0.31 -18.17 30.50
CA PHE B 305 0.06 -16.76 30.64
C PHE B 305 0.80 -16.31 29.38
N ILE B 306 0.32 -15.22 28.79
CA ILE B 306 0.87 -14.72 27.54
C ILE B 306 1.92 -13.66 27.85
N SER B 307 3.13 -13.85 27.32
CA SER B 307 4.24 -12.96 27.56
C SER B 307 4.39 -11.89 26.49
N GLN B 308 4.09 -12.20 25.24
CA GLN B 308 4.25 -11.25 24.16
C GLN B 308 3.18 -11.50 23.12
N ILE B 309 2.87 -10.48 22.32
CA ILE B 309 1.91 -10.59 21.25
C ILE B 309 2.48 -9.90 20.03
N SER B 310 1.84 -10.14 18.89
CA SER B 310 2.22 -9.44 17.67
C SER B 310 1.12 -9.65 16.64
N GLY B 311 0.97 -8.69 15.76
CA GLY B 311 -0.06 -8.75 14.73
C GLY B 311 0.46 -8.20 13.42
N GLY B 312 0.12 -8.90 12.34
CA GLY B 312 0.52 -8.49 11.01
C GLY B 312 -0.64 -7.96 10.21
N TRP B 313 -0.57 -8.08 8.89
CA TRP B 313 -1.66 -7.61 8.05
C TRP B 313 -2.98 -8.27 8.44
N ARG B 314 -3.01 -9.60 8.48
CA ARG B 314 -4.23 -10.33 8.78
C ARG B 314 -3.93 -11.58 9.59
N HIS B 315 -2.87 -11.57 10.39
CA HIS B 315 -2.57 -12.71 11.24
C HIS B 315 -2.03 -12.22 12.57
N THR B 316 -1.99 -13.14 13.53
CA THR B 316 -1.63 -12.81 14.90
C THR B 316 -0.77 -13.92 15.47
N MET B 317 0.18 -13.53 16.30
CA MET B 317 1.04 -14.45 17.04
C MET B 317 1.02 -14.08 18.51
N ALA B 318 1.08 -15.11 19.35
CA ALA B 318 1.04 -14.93 20.80
C ALA B 318 2.07 -15.86 21.42
N LEU B 319 3.04 -15.27 22.11
CA LEU B 319 4.13 -16.01 22.74
C LEU B 319 3.84 -16.11 24.23
N THR B 320 3.69 -17.33 24.73
CA THR B 320 3.39 -17.53 26.13
C THR B 320 4.65 -17.37 26.98
N SER B 321 4.46 -17.28 28.29
CA SER B 321 5.58 -17.20 29.20
C SER B 321 6.36 -18.50 29.26
N ASP B 322 5.80 -19.58 28.74
CA ASP B 322 6.45 -20.89 28.71
C ASP B 322 7.24 -21.13 27.43
N GLY B 323 7.22 -20.17 26.50
CA GLY B 323 7.97 -20.31 25.27
C GLY B 323 7.24 -20.97 24.13
N LYS B 324 5.92 -21.09 24.20
CA LYS B 324 5.13 -21.67 23.12
C LYS B 324 4.57 -20.55 22.26
N LEU B 325 4.71 -20.69 20.95
CA LEU B 325 4.23 -19.70 20.00
C LEU B 325 2.93 -20.20 19.38
N TYR B 326 1.85 -19.45 19.59
CA TYR B 326 0.57 -19.74 18.99
C TYR B 326 0.31 -18.76 17.86
N GLY B 327 -0.17 -19.25 16.73
CA GLY B 327 -0.43 -18.40 15.59
C GLY B 327 -1.82 -18.65 15.04
N TRP B 328 -2.39 -17.61 14.44
CA TRP B 328 -3.70 -17.76 13.81
C TRP B 328 -3.91 -16.61 12.84
N GLY B 329 -5.02 -16.68 12.12
CA GLY B 329 -5.39 -15.65 11.18
C GLY B 329 -5.12 -16.03 9.75
N TRP B 330 -4.88 -15.03 8.90
CA TRP B 330 -4.66 -15.27 7.49
C TRP B 330 -3.45 -16.16 7.29
N ASN B 331 -3.61 -17.20 6.46
CA ASN B 331 -2.55 -18.17 6.21
C ASN B 331 -2.41 -18.45 4.72
N LYS B 332 -2.71 -17.46 3.88
CA LYS B 332 -2.60 -17.68 2.44
C LYS B 332 -1.18 -18.01 2.05
N PHE B 333 -0.20 -17.28 2.60
CA PHE B 333 1.21 -17.47 2.28
C PHE B 333 1.91 -18.37 3.26
N GLY B 334 1.17 -18.96 4.20
CA GLY B 334 1.78 -19.77 5.22
C GLY B 334 2.35 -19.00 6.39
N GLN B 335 2.02 -17.72 6.52
CA GLN B 335 2.64 -16.91 7.56
C GLN B 335 2.20 -17.28 8.97
N VAL B 336 1.19 -18.13 9.12
CA VAL B 336 0.85 -18.63 10.46
C VAL B 336 1.83 -19.71 10.88
N GLY B 337 2.58 -20.28 9.94
CA GLY B 337 3.60 -21.25 10.28
C GLY B 337 3.09 -22.51 10.93
N VAL B 338 1.98 -23.05 10.43
CA VAL B 338 1.40 -24.27 10.98
C VAL B 338 1.52 -25.44 10.00
N GLY B 339 2.27 -25.26 8.92
CA GLY B 339 2.51 -26.33 7.97
C GLY B 339 1.50 -26.46 6.86
N ASN B 340 0.68 -25.45 6.62
CA ASN B 340 -0.32 -25.50 5.55
C ASN B 340 -0.60 -24.07 5.09
N ASN B 341 -1.54 -23.95 4.15
CA ASN B 341 -1.97 -22.67 3.62
C ASN B 341 -3.47 -22.43 3.80
N LEU B 342 -4.02 -22.90 4.92
CA LEU B 342 -5.42 -22.70 5.24
C LEU B 342 -5.55 -21.71 6.38
N ASP B 343 -6.42 -20.72 6.20
CA ASP B 343 -6.61 -19.71 7.23
C ASP B 343 -6.98 -20.37 8.55
N GLN B 344 -6.32 -19.95 9.62
CA GLN B 344 -6.51 -20.53 10.95
C GLN B 344 -7.35 -19.59 11.78
N CYS B 345 -8.55 -20.02 12.14
CA CYS B 345 -9.48 -19.18 12.87
C CYS B 345 -9.36 -19.33 14.39
N SER B 346 -8.50 -20.21 14.87
CA SER B 346 -8.28 -20.38 16.30
C SER B 346 -6.79 -20.61 16.53
N PRO B 347 -6.28 -20.30 17.72
CA PRO B 347 -4.84 -20.40 17.96
C PRO B 347 -4.31 -21.80 17.69
N VAL B 348 -3.15 -21.86 17.03
CA VAL B 348 -2.46 -23.10 16.75
C VAL B 348 -1.01 -22.94 17.19
N GLN B 349 -0.49 -23.92 17.91
CA GLN B 349 0.87 -23.85 18.40
C GLN B 349 1.83 -24.11 17.25
N VAL B 350 2.76 -23.19 17.03
CA VAL B 350 3.74 -23.31 15.96
C VAL B 350 4.91 -24.14 16.47
N ARG B 351 5.20 -25.24 15.77
CA ARG B 351 6.19 -26.21 16.23
C ARG B 351 7.55 -25.92 15.60
N PHE B 352 8.58 -25.89 16.43
CA PHE B 352 9.94 -25.64 16.00
C PHE B 352 10.77 -26.91 16.14
N PRO B 353 11.82 -27.08 15.33
CA PRO B 353 12.62 -28.30 15.41
C PRO B 353 13.22 -28.48 16.79
N ASP B 354 13.25 -29.72 17.26
CA ASP B 354 13.81 -30.10 18.56
C ASP B 354 13.09 -29.43 19.72
N ASP B 355 11.93 -28.83 19.49
CA ASP B 355 11.12 -28.23 20.56
C ASP B 355 11.86 -27.08 21.22
N GLN B 356 12.35 -26.14 20.42
CA GLN B 356 12.98 -24.95 20.97
C GLN B 356 11.93 -24.03 21.56
N LYS B 357 12.24 -23.45 22.72
CA LYS B 357 11.38 -22.42 23.28
C LYS B 357 11.63 -21.10 22.58
N VAL B 358 10.56 -20.39 22.26
CA VAL B 358 10.65 -19.11 21.57
C VAL B 358 10.76 -18.01 22.61
N VAL B 359 11.74 -17.12 22.43
CA VAL B 359 11.91 -15.99 23.32
C VAL B 359 11.46 -14.68 22.69
N GLN B 360 11.26 -14.62 21.38
CA GLN B 360 10.80 -13.40 20.76
C GLN B 360 10.12 -13.73 19.43
N VAL B 361 9.15 -12.91 19.04
CA VAL B 361 8.44 -13.07 17.79
C VAL B 361 8.14 -11.70 17.22
N SER B 362 8.00 -11.61 15.90
CA SER B 362 7.65 -10.37 15.25
C SER B 362 6.98 -10.68 13.92
N CYS B 363 5.77 -10.17 13.73
CA CYS B 363 4.98 -10.45 12.55
C CYS B 363 5.10 -9.33 11.54
N GLY B 364 5.45 -9.67 10.30
CA GLY B 364 5.37 -8.76 9.20
C GLY B 364 3.98 -8.76 8.60
N TRP B 365 3.82 -8.05 7.48
CA TRP B 365 2.53 -8.02 6.82
C TRP B 365 2.14 -9.42 6.35
N ARG B 366 3.07 -10.15 5.74
CA ARG B 366 2.80 -11.46 5.17
C ARG B 366 3.86 -12.48 5.58
N HIS B 367 4.71 -12.15 6.55
CA HIS B 367 5.71 -13.09 7.03
C HIS B 367 5.91 -12.87 8.51
N THR B 368 6.63 -13.79 9.14
CA THR B 368 6.86 -13.77 10.57
C THR B 368 8.28 -14.23 10.86
N LEU B 369 8.86 -13.69 11.93
CA LEU B 369 10.17 -14.06 12.41
C LEU B 369 10.09 -14.43 13.88
N ALA B 370 10.97 -15.33 14.30
CA ALA B 370 11.00 -15.77 15.69
C ALA B 370 12.43 -16.04 16.10
N VAL B 371 12.77 -15.62 17.31
CA VAL B 371 14.08 -15.88 17.91
C VAL B 371 13.86 -16.81 19.08
N THR B 372 14.58 -17.93 19.07
CA THR B 372 14.36 -19.02 20.01
C THR B 372 15.39 -18.99 21.13
N GLU B 373 15.18 -19.85 22.14
CA GLU B 373 16.03 -19.83 23.31
C GLU B 373 17.47 -20.21 23.00
N ARG B 374 17.71 -20.87 21.86
CA ARG B 374 19.06 -21.21 21.42
C ARG B 374 19.65 -20.18 20.48
N ASN B 375 19.05 -18.99 20.40
CA ASN B 375 19.51 -17.92 19.51
C ASN B 375 19.45 -18.33 18.05
N ASN B 376 18.51 -19.21 17.71
CA ASN B 376 18.18 -19.52 16.32
C ASN B 376 17.07 -18.60 15.86
N VAL B 377 17.22 -18.08 14.65
CA VAL B 377 16.21 -17.22 14.05
C VAL B 377 15.49 -18.01 12.97
N PHE B 378 14.20 -18.21 13.16
CA PHE B 378 13.35 -18.87 12.18
C PHE B 378 12.47 -17.82 11.50
N ALA B 379 12.19 -18.04 10.22
CA ALA B 379 11.34 -17.14 9.46
C ALA B 379 10.40 -17.95 8.59
N TRP B 380 9.16 -17.49 8.48
CA TRP B 380 8.18 -18.21 7.68
C TRP B 380 7.19 -17.21 7.10
N GLY B 381 6.33 -17.72 6.23
CA GLY B 381 5.36 -16.87 5.55
C GLY B 381 5.80 -16.51 4.15
N ARG B 382 5.36 -15.35 3.67
CA ARG B 382 5.71 -14.95 2.32
C ARG B 382 7.19 -14.62 2.24
N GLY B 383 7.83 -14.98 1.13
CA GLY B 383 9.24 -14.70 0.94
C GLY B 383 9.59 -14.30 -0.48
N THR B 384 8.60 -13.81 -1.23
CA THR B 384 8.83 -13.47 -2.62
C THR B 384 9.89 -12.38 -2.79
N ASN B 385 10.10 -11.54 -1.78
CA ASN B 385 11.16 -10.56 -1.78
C ASN B 385 12.35 -10.97 -0.92
N GLY B 386 12.43 -12.24 -0.55
CA GLY B 386 13.53 -12.71 0.28
C GLY B 386 13.55 -12.11 1.66
N GLN B 387 12.43 -11.56 2.13
CA GLN B 387 12.38 -11.00 3.48
C GLN B 387 12.54 -12.06 4.56
N LEU B 388 12.37 -13.34 4.22
CA LEU B 388 12.57 -14.41 5.18
C LEU B 388 14.04 -14.57 5.55
N GLY B 389 14.95 -13.97 4.80
CA GLY B 389 16.36 -14.05 5.12
C GLY B 389 17.01 -15.38 4.86
N ILE B 390 16.35 -16.28 4.14
CA ILE B 390 16.89 -17.62 3.94
C ILE B 390 17.85 -17.62 2.76
N GLY B 391 17.78 -16.61 1.90
CA GLY B 391 18.54 -16.57 0.68
C GLY B 391 17.80 -17.04 -0.55
N GLU B 392 16.52 -17.38 -0.41
CA GLU B 392 15.67 -17.80 -1.52
C GLU B 392 14.56 -16.78 -1.70
N SER B 393 13.72 -17.02 -2.71
CA SER B 393 12.56 -16.18 -2.99
C SER B 393 11.31 -17.04 -3.14
N VAL B 394 11.13 -18.00 -2.24
CA VAL B 394 10.00 -18.92 -2.26
C VAL B 394 9.27 -18.83 -0.93
N ASP B 395 8.00 -19.21 -0.95
CA ASP B 395 7.16 -19.09 0.23
C ASP B 395 7.27 -20.33 1.10
N ARG B 396 7.45 -20.11 2.40
CA ARG B 396 7.52 -21.20 3.37
C ARG B 396 6.36 -21.08 4.35
N ASN B 397 5.69 -22.20 4.61
CA ASN B 397 4.51 -22.21 5.47
C ASN B 397 4.79 -22.77 6.85
N PHE B 398 6.06 -22.95 7.21
CA PHE B 398 6.42 -23.40 8.55
C PHE B 398 7.79 -22.82 8.89
N PRO B 399 8.16 -22.81 10.17
CA PRO B 399 9.41 -22.14 10.55
C PRO B 399 10.62 -22.66 9.81
N LYS B 400 11.38 -21.77 9.19
CA LYS B 400 12.63 -22.10 8.53
C LYS B 400 13.76 -21.28 9.12
N ILE B 401 14.88 -21.94 9.38
CA ILE B 401 16.00 -21.33 10.10
C ILE B 401 16.72 -20.35 9.19
N ILE B 402 17.07 -19.18 9.74
CA ILE B 402 17.95 -18.23 9.05
C ILE B 402 19.37 -18.57 9.46
N GLU B 403 20.08 -19.29 8.59
CA GLU B 403 21.41 -19.77 8.93
C GLU B 403 22.42 -18.65 9.10
N ALA B 404 22.24 -17.54 8.39
CA ALA B 404 23.17 -16.42 8.52
C ALA B 404 23.08 -15.76 9.90
N LEU B 405 22.04 -16.07 10.68
CA LEU B 405 21.85 -15.52 12.01
C LEU B 405 21.73 -16.57 13.10
N SER B 406 21.29 -17.78 12.77
CA SER B 406 21.12 -18.82 13.77
C SER B 406 22.45 -19.55 14.03
N VAL B 407 22.67 -19.89 15.29
CA VAL B 407 23.89 -20.61 15.65
C VAL B 407 23.91 -21.99 15.00
N ASP B 408 22.77 -22.69 14.98
CA ASP B 408 22.70 -24.02 14.39
C ASP B 408 22.81 -23.92 12.87
N GLY B 409 23.29 -25.01 12.28
CA GLY B 409 23.44 -25.07 10.83
C GLY B 409 24.09 -26.36 10.37
N ARG B 434 10.97 0.23 -10.90
CA ARG B 434 10.79 1.30 -9.92
C ARG B 434 9.32 1.68 -9.81
N TYR B 435 8.85 2.54 -10.72
CA TYR B 435 7.46 2.96 -10.72
C TYR B 435 7.08 3.41 -12.11
N ALA B 436 5.84 3.12 -12.52
CA ALA B 436 5.34 3.50 -13.83
C ALA B 436 6.21 2.96 -14.95
N VAL B 437 6.77 1.77 -14.76
CA VAL B 437 7.62 1.13 -15.74
C VAL B 437 6.79 0.07 -16.48
N VAL B 438 6.76 0.18 -17.81
CA VAL B 438 5.94 -0.72 -18.61
C VAL B 438 6.65 -2.07 -18.72
N PRO B 439 6.01 -3.18 -18.35
CA PRO B 439 6.64 -4.48 -18.56
C PRO B 439 6.96 -4.72 -20.03
N ASP B 440 8.09 -5.38 -20.27
CA ASP B 440 8.53 -5.68 -21.62
C ASP B 440 7.52 -6.59 -22.33
#